data_4XVK
#
_entry.id   4XVK
#
_cell.length_a   290.876
_cell.length_b   290.876
_cell.length_c   110.161
_cell.angle_alpha   90.000
_cell.angle_beta   90.000
_cell.angle_gamma   120.000
#
_symmetry.space_group_name_H-M   'H 3 2'
#
loop_
_entity.id
_entity.type
_entity.pdbx_description
1 polymer 'DNA polymerase nu'
2 polymer "DNA (5'-D(*GP*AP*TP*CP*TP*GP*AP*CP*GP*CP*TP*AP*CP*GP*G)-3')"
3 polymer "DNA (5'-D(*TP*CP*CP*GP*TP*AP*GP*CP*GP*TP*CP*A)-3')"
4 non-polymer '2-(N-MORPHOLINO)-ETHANESULFONIC ACID'
5 non-polymer 'SODIUM ION'
6 water water
#
loop_
_entity_poly.entity_id
_entity_poly.type
_entity_poly.pdbx_seq_one_letter_code
_entity_poly.pdbx_strand_id
1 'polypeptide(L)'
;KKHFCDIRHLDDWAKSQLIEMLKQAAALVITVMYTDGSTQLGADQTPVSSVRGIVVLVKRQAEGGHGCPDAPACGPVLEG
FVSDDPCIYIQIEHSAIWDQEQEAHQQFARNVLFQTMKCKCPVICFNAKDFVRIVLQFFGNDGSWKHVADFIGLDPRIAA
WLIDPSDATPSFEDLVEKYCEKSITVKVNSTYGNSSRNIVNQNVRENLKTLYRLTMDLCSKLKDYGLWQLFRTLELPLIP
ILAVMESHAIQVNKEEMEKTSALLGARLKELEQEAHFVAGERFLITSNNQLREILFGKLKLHLLSQRNSLPRTGLQKYPS
TSEAVLNALRDLHPLPKIILEYRQVHKIKSTFVDGLLACMKKGSISSTWNQTGTVTGRLSAKHPNIQGISKHPIQITTPK
NFKGKEDKILTISPRAMFVSSKGHTFLAADFSQIELRILTHLSGDPELLKLFQESERDDVFSTLTSQWKDVPVEQVTHAD
REQTKKVVYAVVYGAGKERLAACLGVPIQEAAQFLESFLQKYKKIKDFARAAIAQCHQTGCVVSIMGRRRPLPRIHAHDQ
QLRAQAERQAVNFVVQGSAADLCKLAMIHVFTAVAASHTLTARLVAQIHDELLFEVEDPQIPECAALVRRTMESLEQVQA
LELQLQVPLKVSLSAGRSWGHLVPLQ
;
A
2 'polydeoxyribonucleotide' (DG)(DA)(DT)(DC)(DT)(DG)(DA)(DC)(DG)(DC)(DT)(DA)(DC)(DG)(DG) P
3 'polydeoxyribonucleotide' (DT)(DC)(DC)(DG)(DT)(DA)(DG)(DC)(DG)(DT)(DC)(DA) T
#
loop_
_chem_comp.id
_chem_comp.type
_chem_comp.name
_chem_comp.formula
DA DNA linking 2'-DEOXYADENOSINE-5'-MONOPHOSPHATE 'C10 H14 N5 O6 P'
DC DNA linking 2'-DEOXYCYTIDINE-5'-MONOPHOSPHATE 'C9 H14 N3 O7 P'
DG DNA linking 2'-DEOXYGUANOSINE-5'-MONOPHOSPHATE 'C10 H14 N5 O7 P'
DT DNA linking THYMIDINE-5'-MONOPHOSPHATE 'C10 H15 N2 O8 P'
MES non-polymer '2-(N-MORPHOLINO)-ETHANESULFONIC ACID' 'C6 H13 N O4 S'
NA non-polymer 'SODIUM ION' 'Na 1'
#
# COMPACT_ATOMS: atom_id res chain seq x y z
N LYS A 1 -10.50 23.20 -31.28
CA LYS A 1 -9.89 23.97 -32.37
C LYS A 1 -9.31 25.27 -31.82
N LYS A 2 -10.16 26.12 -31.26
CA LYS A 2 -9.70 27.24 -30.46
C LYS A 2 -9.76 26.80 -29.00
N HIS A 3 -10.24 25.59 -28.79
CA HIS A 3 -10.38 25.02 -27.46
C HIS A 3 -9.19 24.15 -27.09
N PHE A 4 -8.28 23.95 -28.04
CA PHE A 4 -7.12 23.09 -27.83
C PHE A 4 -5.85 23.79 -28.30
N CYS A 5 -4.93 24.06 -27.39
CA CYS A 5 -3.69 24.74 -27.78
C CYS A 5 -2.42 24.10 -27.22
N ASP A 6 -1.43 23.92 -28.08
CA ASP A 6 -0.10 23.49 -27.66
C ASP A 6 0.58 24.72 -27.10
N ILE A 7 0.97 24.67 -25.83
CA ILE A 7 1.53 25.83 -25.14
C ILE A 7 2.89 26.27 -25.71
N ARG A 8 3.51 25.40 -26.49
CA ARG A 8 4.78 25.71 -27.13
C ARG A 8 4.59 26.72 -28.26
N HIS A 9 3.40 26.70 -28.87
CA HIS A 9 3.12 27.53 -30.03
C HIS A 9 2.43 28.85 -29.68
N LEU A 10 2.22 29.07 -28.38
CA LEU A 10 1.66 30.33 -27.90
C LEU A 10 2.68 31.46 -28.04
N ASP A 11 2.20 32.64 -28.43
CA ASP A 11 3.02 33.84 -28.36
C ASP A 11 3.27 34.14 -26.89
N ASP A 12 4.41 34.78 -26.58
CA ASP A 12 4.84 34.96 -25.20
C ASP A 12 3.84 35.73 -24.32
N TRP A 13 3.20 36.74 -24.89
CA TRP A 13 2.16 37.48 -24.16
C TRP A 13 1.01 36.53 -23.78
N ALA A 14 0.66 35.65 -24.72
CA ALA A 14 -0.36 34.64 -24.47
C ALA A 14 0.11 33.62 -23.43
N LYS A 15 1.41 33.37 -23.38
CA LYS A 15 1.97 32.48 -22.37
C LYS A 15 1.77 33.07 -20.98
N SER A 16 2.17 34.33 -20.83
CA SER A 16 2.00 35.04 -19.58
C SER A 16 0.52 35.05 -19.15
N GLN A 17 -0.34 35.40 -20.10
CA GLN A 17 -1.77 35.38 -19.87
C GLN A 17 -2.25 34.00 -19.44
N LEU A 18 -1.64 32.95 -19.99
CA LEU A 18 -1.98 31.57 -19.61
C LEU A 18 -1.61 31.30 -18.15
N ILE A 19 -0.41 31.70 -17.76
CA ILE A 19 0.01 31.57 -16.36
C ILE A 19 -0.99 32.26 -15.43
N GLU A 20 -1.37 33.47 -15.78
CA GLU A 20 -2.37 34.19 -14.98
C GLU A 20 -3.74 33.49 -14.95
N MET A 21 -4.13 32.89 -16.09
CA MET A 21 -5.37 32.13 -16.16
C MET A 21 -5.35 30.92 -15.24
N LEU A 22 -4.21 30.24 -15.19
CA LEU A 22 -4.03 29.11 -14.30
C LEU A 22 -4.11 29.55 -12.84
N LYS A 23 -3.50 30.69 -12.52
CA LYS A 23 -3.57 31.23 -11.17
C LYS A 23 -4.99 31.60 -10.75
N GLN A 24 -5.74 32.19 -11.68
CA GLN A 24 -7.08 32.69 -11.37
C GLN A 24 -8.23 31.72 -11.71
N ALA A 25 -7.89 30.53 -12.18
CA ALA A 25 -8.90 29.54 -12.59
C ALA A 25 -9.79 29.08 -11.45
N ALA A 26 -11.02 28.68 -11.80
CA ALA A 26 -11.95 28.14 -10.81
C ALA A 26 -11.62 26.69 -10.51
N ALA A 27 -11.34 25.92 -11.55
CA ALA A 27 -10.93 24.52 -11.40
C ALA A 27 -10.07 24.07 -12.57
N LEU A 28 -9.15 23.15 -12.31
CA LEU A 28 -8.37 22.52 -13.36
C LEU A 28 -8.82 21.07 -13.53
N VAL A 29 -8.94 20.62 -14.78
CA VAL A 29 -9.29 19.23 -15.04
C VAL A 29 -8.21 18.63 -15.95
N ILE A 30 -7.59 17.54 -15.47
CA ILE A 30 -6.38 17.02 -16.07
C ILE A 30 -6.48 15.54 -16.44
N THR A 31 -5.92 15.18 -17.58
CA THR A 31 -5.68 13.77 -17.91
C THR A 31 -4.37 13.62 -18.67
N VAL A 32 -3.80 12.42 -18.62
CA VAL A 32 -2.57 12.12 -19.33
C VAL A 32 -2.90 11.49 -20.68
N MET A 33 -2.34 12.04 -21.75
CA MET A 33 -2.52 11.46 -23.08
C MET A 33 -1.30 10.63 -23.46
N TYR A 34 -1.53 9.44 -23.97
CA TYR A 34 -0.44 8.58 -24.40
C TYR A 34 -0.23 8.75 -25.90
N THR A 35 0.72 8.00 -26.46
CA THR A 35 1.05 8.13 -27.88
C THR A 35 -0.03 7.56 -28.80
N ASP A 36 -1.05 6.92 -28.22
CA ASP A 36 -2.11 6.26 -28.99
C ASP A 36 -2.91 7.11 -30.01
N GLY A 37 -3.28 8.36 -29.68
CA GLY A 37 -3.34 8.91 -28.34
C GLY A 37 -4.55 8.40 -27.57
N SER A 38 -4.29 7.82 -26.41
CA SER A 38 -5.37 7.40 -25.53
C SER A 38 -5.18 8.16 -24.23
N THR A 39 -6.10 7.97 -23.29
CA THR A 39 -6.03 8.69 -22.03
C THR A 39 -6.21 7.75 -20.84
N GLN A 40 -6.13 8.31 -19.64
CA GLN A 40 -6.44 7.56 -18.43
C GLN A 40 -7.95 7.35 -18.37
N LEU A 41 -8.66 8.10 -19.19
CA LEU A 41 -10.12 8.05 -19.24
C LEU A 41 -10.62 6.87 -20.08
N GLY A 42 -9.76 6.33 -20.94
CA GLY A 42 -10.11 5.17 -21.74
C GLY A 42 -10.11 3.94 -20.85
N ALA A 43 -10.38 2.77 -21.44
CA ALA A 43 -10.29 1.57 -20.64
C ALA A 43 -9.03 0.78 -20.95
N ASP A 44 -8.07 0.86 -20.03
CA ASP A 44 -6.95 -0.05 -19.88
C ASP A 44 -6.49 0.55 -18.58
N GLN A 45 -5.74 -0.19 -17.80
CA GLN A 45 -5.02 0.41 -16.70
C GLN A 45 -3.63 0.63 -17.19
N THR A 46 -3.17 -0.30 -18.00
CA THR A 46 -1.89 -0.15 -18.63
C THR A 46 -2.04 0.12 -20.09
N PRO A 47 -1.67 1.32 -20.47
CA PRO A 47 -1.66 1.68 -21.87
C PRO A 47 -0.73 0.79 -22.70
N VAL A 48 0.45 0.45 -22.17
CA VAL A 48 1.55 -0.13 -22.96
C VAL A 48 1.94 0.79 -24.09
N SER A 49 1.91 2.08 -23.80
CA SER A 49 2.27 3.11 -24.75
C SER A 49 3.02 4.13 -23.94
N SER A 50 3.87 4.92 -24.57
CA SER A 50 4.48 5.99 -23.83
C SER A 50 3.55 7.16 -23.54
N VAL A 51 3.90 7.98 -22.57
CA VAL A 51 3.21 9.19 -22.29
C VAL A 51 3.68 10.17 -23.32
N ARG A 52 2.76 10.89 -23.92
CA ARG A 52 3.04 11.93 -24.84
C ARG A 52 2.95 13.29 -24.19
N GLY A 53 1.85 13.51 -23.51
CA GLY A 53 1.52 14.81 -23.05
C GLY A 53 0.51 14.82 -21.96
N ILE A 54 0.28 15.98 -21.42
CA ILE A 54 -0.78 16.19 -20.43
C ILE A 54 -1.78 17.23 -20.94
N VAL A 55 -3.06 16.95 -20.80
CA VAL A 55 -4.10 17.89 -21.20
C VAL A 55 -4.73 18.51 -19.95
N VAL A 56 -4.85 19.84 -19.92
CA VAL A 56 -5.46 20.53 -18.79
C VAL A 56 -6.63 21.39 -19.25
N LEU A 57 -7.80 21.15 -18.68
CA LEU A 57 -8.97 21.98 -18.95
C LEU A 57 -9.01 23.11 -17.91
N VAL A 58 -9.00 24.34 -18.37
CA VAL A 58 -8.97 25.49 -17.48
C VAL A 58 -10.36 26.12 -17.37
N LYS A 59 -11.00 25.96 -16.22
CA LYS A 59 -12.34 26.50 -15.99
C LYS A 59 -12.25 27.79 -15.18
N ARG A 60 -13.04 28.73 -15.66
CA ARG A 60 -13.13 30.08 -15.20
C ARG A 60 -14.20 30.18 -14.16
N GLN A 61 -15.09 29.20 -14.17
CA GLN A 61 -16.30 29.13 -13.35
C GLN A 61 -16.52 27.72 -12.80
N ALA A 62 -17.12 27.62 -11.62
CA ALA A 62 -17.38 26.34 -10.97
C ALA A 62 -18.88 26.09 -10.76
N CYS A 74 -17.81 35.06 -13.28
CA CYS A 74 -18.78 36.14 -13.17
C CYS A 74 -18.52 37.23 -14.22
N GLY A 75 -19.43 37.37 -15.16
CA GLY A 75 -19.26 38.29 -16.28
C GLY A 75 -18.68 37.56 -17.47
N PRO A 76 -18.49 38.26 -18.59
CA PRO A 76 -17.89 37.61 -19.76
C PRO A 76 -16.37 37.72 -19.74
N VAL A 77 -15.71 37.06 -20.70
CA VAL A 77 -14.25 37.09 -20.82
C VAL A 77 -13.84 37.02 -22.29
N LEU A 78 -12.90 37.87 -22.70
CA LEU A 78 -12.23 37.66 -23.99
C LEU A 78 -10.72 37.73 -23.82
N GLU A 79 -10.07 36.57 -23.92
CA GLU A 79 -8.61 36.50 -23.91
C GLU A 79 -8.06 36.75 -25.31
N GLY A 80 -8.73 36.14 -26.29
CA GLY A 80 -8.43 36.31 -27.69
C GLY A 80 -7.41 35.34 -28.25
N PHE A 81 -6.53 34.82 -27.39
CA PHE A 81 -5.57 33.81 -27.83
C PHE A 81 -6.14 32.41 -27.61
N VAL A 82 -7.22 32.34 -26.84
CA VAL A 82 -7.94 31.09 -26.58
C VAL A 82 -9.42 31.35 -26.40
N SER A 83 -10.22 30.31 -26.58
CA SER A 83 -11.63 30.34 -26.25
C SER A 83 -11.82 29.99 -24.78
N ASP A 84 -13.09 29.83 -24.39
CA ASP A 84 -13.42 29.51 -23.00
C ASP A 84 -14.45 28.38 -22.99
N ASP A 85 -14.22 27.32 -22.23
CA ASP A 85 -13.01 27.12 -21.43
C ASP A 85 -11.98 26.29 -22.19
N PRO A 86 -10.73 26.77 -22.26
CA PRO A 86 -9.67 26.18 -23.08
C PRO A 86 -9.05 24.90 -22.54
N CYS A 87 -8.62 24.03 -23.45
CA CYS A 87 -7.76 22.90 -23.11
C CYS A 87 -6.34 23.20 -23.59
N ILE A 88 -5.38 23.08 -22.68
CA ILE A 88 -3.99 23.28 -23.03
C ILE A 88 -3.25 21.95 -23.02
N TYR A 89 -2.27 21.81 -23.92
CA TYR A 89 -1.53 20.57 -24.06
C TYR A 89 -0.05 20.79 -23.77
N ILE A 90 0.50 19.93 -22.93
CA ILE A 90 1.89 20.04 -22.50
C ILE A 90 2.67 18.79 -22.90
N GLN A 91 3.68 18.93 -23.76
CA GLN A 91 4.41 17.77 -24.26
C GLN A 91 5.34 17.20 -23.21
N ILE A 92 5.10 15.95 -22.81
CA ILE A 92 6.04 15.20 -21.97
C ILE A 92 7.13 14.49 -22.78
N GLU A 93 6.73 13.87 -23.89
CA GLU A 93 7.63 12.98 -24.64
C GLU A 93 8.83 13.70 -25.22
N HIS A 94 10.00 13.07 -25.10
CA HIS A 94 11.24 13.63 -25.65
C HIS A 94 11.23 13.57 -27.17
N SER A 95 11.87 14.55 -27.80
CA SER A 95 11.98 14.58 -29.25
C SER A 95 13.19 13.77 -29.69
N ALA A 96 13.39 13.65 -31.00
CA ALA A 96 14.49 12.85 -31.53
C ALA A 96 15.85 13.47 -31.21
N ILE A 97 15.94 14.79 -31.36
CA ILE A 97 17.17 15.51 -31.09
C ILE A 97 16.97 16.46 -29.91
N TRP A 98 17.91 16.46 -28.96
CA TRP A 98 17.90 17.48 -27.93
C TRP A 98 18.66 18.72 -28.38
N ASP A 99 18.05 19.88 -28.19
CA ASP A 99 18.70 21.15 -28.47
C ASP A 99 18.11 22.28 -27.62
N GLN A 100 18.49 23.51 -27.94
CA GLN A 100 18.14 24.67 -27.12
C GLN A 100 16.63 24.98 -27.09
N GLU A 101 15.98 24.83 -28.23
CA GLU A 101 14.54 25.06 -28.32
C GLU A 101 13.77 24.07 -27.43
N GLN A 102 14.29 22.85 -27.33
CA GLN A 102 13.73 21.85 -26.45
C GLN A 102 13.93 22.25 -24.99
N GLU A 103 15.09 22.83 -24.70
CA GLU A 103 15.36 23.35 -23.37
C GLU A 103 14.34 24.43 -23.00
N ALA A 104 14.14 25.38 -23.90
CA ALA A 104 13.15 26.45 -23.70
C ALA A 104 11.74 25.91 -23.46
N HIS A 105 11.30 25.06 -24.38
CA HIS A 105 10.00 24.38 -24.27
C HIS A 105 9.86 23.74 -22.90
N GLN A 106 10.91 23.05 -22.48
CA GLN A 106 10.94 22.38 -21.20
C GLN A 106 10.81 23.36 -20.03
N GLN A 107 11.45 24.52 -20.16
CA GLN A 107 11.37 25.55 -19.13
C GLN A 107 9.94 26.02 -18.94
N PHE A 108 9.31 26.45 -20.03
CA PHE A 108 7.93 26.92 -19.92
C PHE A 108 6.99 25.81 -19.45
N ALA A 109 7.20 24.59 -19.95
CA ALA A 109 6.38 23.45 -19.58
C ALA A 109 6.45 23.18 -18.08
N ARG A 110 7.67 23.19 -17.55
CA ARG A 110 7.89 23.01 -16.11
C ARG A 110 7.21 24.10 -15.31
N ASN A 111 7.32 25.34 -15.77
CA ASN A 111 6.62 26.45 -15.14
C ASN A 111 5.11 26.19 -15.05
N VAL A 112 4.51 25.82 -16.19
CA VAL A 112 3.07 25.57 -16.25
C VAL A 112 2.63 24.41 -15.36
N LEU A 113 3.35 23.30 -15.41
CA LEU A 113 3.03 22.14 -14.58
C LEU A 113 3.17 22.43 -13.09
N PHE A 114 4.18 23.21 -12.73
CA PHE A 114 4.32 23.61 -11.32
C PHE A 114 3.18 24.52 -10.91
N GLN A 115 2.75 25.39 -11.83
CA GLN A 115 1.56 26.19 -11.61
C GLN A 115 0.37 25.30 -11.29
N THR A 116 0.28 24.20 -12.05
CA THR A 116 -0.75 23.20 -11.82
C THR A 116 -0.61 22.58 -10.41
N MET A 117 0.62 22.39 -9.97
CA MET A 117 0.89 21.80 -8.66
C MET A 117 0.52 22.71 -7.48
N LYS A 118 0.84 23.99 -7.59
CA LYS A 118 0.63 24.93 -6.49
C LYS A 118 -0.65 25.77 -6.53
N CYS A 119 -1.47 25.59 -7.57
CA CYS A 119 -2.65 26.44 -7.76
C CYS A 119 -3.66 26.30 -6.63
N LYS A 120 -4.43 27.34 -6.38
CA LYS A 120 -5.33 27.39 -5.23
C LYS A 120 -6.71 26.80 -5.52
N CYS A 121 -6.97 26.48 -6.78
CA CYS A 121 -8.29 25.96 -7.14
C CYS A 121 -8.29 24.44 -7.05
N PRO A 122 -9.48 23.82 -7.18
CA PRO A 122 -9.51 22.35 -7.20
C PRO A 122 -8.87 21.77 -8.45
N VAL A 123 -8.08 20.72 -8.29
CA VAL A 123 -7.54 20.00 -9.43
C VAL A 123 -8.18 18.63 -9.49
N ILE A 124 -8.76 18.28 -10.62
CA ILE A 124 -9.41 16.99 -10.80
C ILE A 124 -8.61 16.14 -11.79
N CYS A 125 -8.06 15.03 -11.31
CA CYS A 125 -7.35 14.10 -12.19
C CYS A 125 -7.86 12.69 -11.92
N PHE A 126 -8.10 11.92 -12.98
CA PHE A 126 -8.65 10.58 -12.80
C PHE A 126 -7.75 9.67 -12.00
N ASN A 127 -6.51 9.48 -12.46
CA ASN A 127 -5.52 8.85 -11.61
C ASN A 127 -4.44 9.89 -11.30
N ALA A 128 -4.47 10.41 -10.09
CA ALA A 128 -3.65 11.55 -9.71
C ALA A 128 -2.21 11.16 -9.44
N LYS A 129 -2.02 9.98 -8.85
CA LYS A 129 -0.68 9.48 -8.55
C LYS A 129 0.19 9.37 -9.80
N ASP A 130 -0.38 8.79 -10.86
CA ASP A 130 0.33 8.67 -12.13
C ASP A 130 0.72 10.04 -12.67
N PHE A 131 -0.24 10.96 -12.65
CA PHE A 131 -0.02 12.34 -13.07
C PHE A 131 1.14 12.99 -12.33
N VAL A 132 1.08 12.95 -11.00
CA VAL A 132 2.12 13.53 -10.14
C VAL A 132 3.48 12.90 -10.39
N ARG A 133 3.52 11.58 -10.56
CA ARG A 133 4.77 10.88 -10.84
C ARG A 133 5.38 11.37 -12.16
N ILE A 134 4.54 11.42 -13.19
CA ILE A 134 4.93 11.95 -14.50
C ILE A 134 5.49 13.37 -14.40
N VAL A 135 4.78 14.23 -13.69
CA VAL A 135 5.19 15.62 -13.49
C VAL A 135 6.53 15.72 -12.77
N LEU A 136 6.70 14.90 -11.72
CA LEU A 136 7.90 14.89 -10.91
C LEU A 136 9.11 14.52 -11.76
N GLN A 137 8.99 13.39 -12.46
CA GLN A 137 10.04 12.94 -13.35
C GLN A 137 10.28 13.94 -14.48
N PHE A 138 9.26 14.72 -14.83
CA PHE A 138 9.39 15.76 -15.85
C PHE A 138 10.19 16.95 -15.33
N PHE A 139 10.00 17.26 -14.05
CA PHE A 139 10.77 18.30 -13.38
C PHE A 139 12.23 17.89 -13.38
N GLY A 140 12.48 16.66 -12.93
CA GLY A 140 13.85 16.17 -12.86
C GLY A 140 14.70 17.01 -11.93
N ASN A 141 15.81 17.54 -12.45
CA ASN A 141 16.74 18.32 -11.65
C ASN A 141 16.33 19.70 -11.12
N ASP A 142 15.47 20.40 -11.85
CA ASP A 142 15.01 21.73 -11.43
C ASP A 142 13.97 21.71 -10.29
N GLY A 143 13.69 20.49 -9.84
CA GLY A 143 12.71 20.28 -8.78
C GLY A 143 13.04 19.11 -7.89
N SER A 144 12.38 19.07 -6.74
CA SER A 144 12.54 17.98 -5.79
C SER A 144 11.16 17.41 -5.49
N TRP A 145 11.09 16.48 -4.55
CA TRP A 145 9.82 15.88 -4.17
C TRP A 145 9.00 16.82 -3.28
N LYS A 146 9.66 17.83 -2.73
CA LYS A 146 8.98 18.79 -1.85
C LYS A 146 8.07 19.75 -2.63
N HIS A 147 8.21 19.75 -3.95
CA HIS A 147 7.38 20.59 -4.80
C HIS A 147 5.96 20.06 -4.89
N VAL A 148 5.83 18.73 -4.95
CA VAL A 148 4.53 18.09 -5.12
C VAL A 148 3.86 17.75 -3.79
N ALA A 149 4.57 18.01 -2.68
CA ALA A 149 4.11 17.63 -1.35
C ALA A 149 2.73 18.19 -0.98
N ASP A 150 2.47 19.42 -1.39
CA ASP A 150 1.22 20.08 -1.04
C ASP A 150 0.13 19.88 -2.08
N PHE A 151 0.43 19.11 -3.13
CA PHE A 151 -0.56 18.89 -4.18
C PHE A 151 -1.76 18.13 -3.66
N ILE A 152 -2.93 18.72 -3.87
CA ILE A 152 -4.18 18.05 -3.60
C ILE A 152 -4.90 17.96 -4.93
N GLY A 153 -5.46 16.79 -5.23
CA GLY A 153 -6.24 16.69 -6.44
C GLY A 153 -7.34 15.67 -6.25
N LEU A 154 -8.42 15.87 -6.98
CA LEU A 154 -9.62 15.13 -6.72
C LEU A 154 -9.63 13.91 -7.61
N ASP A 155 -9.47 12.75 -7.01
CA ASP A 155 -9.41 11.50 -7.73
C ASP A 155 -10.72 10.78 -7.50
N PRO A 156 -11.59 10.76 -8.52
CA PRO A 156 -12.90 10.12 -8.42
C PRO A 156 -12.81 8.63 -8.13
N ARG A 157 -11.73 7.99 -8.60
CA ARG A 157 -11.52 6.57 -8.34
C ARG A 157 -11.34 6.29 -6.84
N ILE A 158 -10.57 7.14 -6.17
CA ILE A 158 -10.37 7.02 -4.73
C ILE A 158 -11.67 7.23 -3.96
N ALA A 159 -12.46 8.19 -4.41
CA ALA A 159 -13.78 8.46 -3.82
C ALA A 159 -14.69 7.24 -3.93
N ALA A 160 -14.85 6.77 -5.16
CA ALA A 160 -15.66 5.59 -5.45
C ALA A 160 -15.14 4.38 -4.67
N TRP A 161 -13.84 4.34 -4.41
CA TRP A 161 -13.25 3.28 -3.61
C TRP A 161 -13.67 3.42 -2.15
N LEU A 162 -13.66 4.64 -1.64
CA LEU A 162 -14.10 4.90 -0.27
C LEU A 162 -15.56 4.49 -0.09
N ILE A 163 -16.37 4.69 -1.13
CA ILE A 163 -17.76 4.30 -1.08
C ILE A 163 -17.96 2.79 -1.16
N ASP A 164 -17.34 2.15 -2.16
CA ASP A 164 -17.41 0.70 -2.33
C ASP A 164 -16.03 0.09 -2.45
N PRO A 165 -15.35 -0.14 -1.31
CA PRO A 165 -13.96 -0.64 -1.30
C PRO A 165 -13.80 -2.03 -1.89
N SER A 166 -14.87 -2.82 -1.86
CA SER A 166 -14.83 -4.19 -2.37
C SER A 166 -14.78 -4.23 -3.90
N ASP A 167 -15.52 -3.34 -4.54
CA ASP A 167 -15.63 -3.30 -6.00
C ASP A 167 -14.26 -3.20 -6.67
N ALA A 168 -14.10 -3.94 -7.76
CA ALA A 168 -12.84 -3.93 -8.51
C ALA A 168 -12.60 -2.54 -9.07
N THR A 169 -11.34 -2.22 -9.35
CA THR A 169 -10.99 -0.87 -9.79
C THR A 169 -11.68 -0.57 -11.12
N PRO A 170 -12.66 0.34 -11.09
CA PRO A 170 -13.50 0.65 -12.25
C PRO A 170 -12.83 1.58 -13.24
N SER A 171 -13.25 1.52 -14.51
CA SER A 171 -12.77 2.47 -15.50
C SER A 171 -13.52 3.78 -15.32
N PHE A 172 -13.15 4.78 -16.11
CA PHE A 172 -13.79 6.09 -16.06
C PHE A 172 -15.26 5.99 -16.53
N GLU A 173 -15.48 5.19 -17.56
CA GLU A 173 -16.81 5.00 -18.13
C GLU A 173 -17.74 4.31 -17.12
N ASP A 174 -17.20 3.30 -16.43
CA ASP A 174 -17.92 2.61 -15.37
C ASP A 174 -18.39 3.61 -14.32
N LEU A 175 -17.46 4.42 -13.83
CA LEU A 175 -17.75 5.44 -12.84
C LEU A 175 -18.79 6.44 -13.33
N VAL A 176 -18.74 6.77 -14.62
CA VAL A 176 -19.73 7.66 -15.20
C VAL A 176 -21.13 7.04 -15.16
N GLU A 177 -21.26 5.83 -15.70
CA GLU A 177 -22.57 5.18 -15.69
C GLU A 177 -23.11 4.96 -14.29
N LYS A 178 -22.24 4.65 -13.34
CA LYS A 178 -22.66 4.42 -11.95
C LYS A 178 -23.03 5.71 -11.19
N TYR A 179 -22.11 6.66 -11.12
CA TYR A 179 -22.30 7.85 -10.30
C TYR A 179 -22.77 9.12 -11.01
N CYS A 180 -22.88 9.08 -12.33
CA CYS A 180 -23.34 10.27 -13.05
C CYS A 180 -24.79 10.16 -13.47
N GLU A 181 -25.57 11.18 -13.10
CA GLU A 181 -26.96 11.26 -13.50
C GLU A 181 -27.18 12.45 -14.43
N LYS A 182 -27.73 12.19 -15.62
CA LYS A 182 -28.00 10.84 -16.09
C LYS A 182 -27.81 10.87 -17.60
N SER A 183 -27.94 9.71 -18.24
CA SER A 183 -27.89 9.61 -19.70
C SER A 183 -26.66 10.29 -20.29
N ILE A 184 -25.56 10.26 -19.54
CA ILE A 184 -24.29 10.79 -20.03
C ILE A 184 -23.50 9.66 -20.67
N THR A 185 -23.33 9.73 -21.98
CA THR A 185 -22.56 8.73 -22.70
C THR A 185 -21.24 9.35 -23.16
N VAL A 186 -20.14 8.64 -22.87
CA VAL A 186 -18.82 9.15 -23.20
C VAL A 186 -18.15 8.28 -24.26
N LYS A 187 -17.33 8.89 -25.11
CA LYS A 187 -16.49 8.09 -25.98
C LYS A 187 -15.04 8.29 -25.57
N VAL A 188 -14.51 7.30 -24.87
CA VAL A 188 -13.14 7.34 -24.36
C VAL A 188 -12.15 6.51 -25.18
N ASN A 189 -12.66 5.81 -26.19
CA ASN A 189 -11.88 4.76 -26.86
C ASN A 189 -11.14 5.20 -28.13
N SER A 190 -11.20 6.49 -28.44
CA SER A 190 -10.59 7.01 -29.66
C SER A 190 -9.06 7.00 -29.60
N THR A 191 -8.44 6.62 -30.71
CA THR A 191 -6.98 6.66 -30.87
C THR A 191 -6.63 7.21 -32.23
N TYR A 192 -5.36 7.54 -32.44
CA TYR A 192 -4.89 7.80 -33.79
C TYR A 192 -4.94 6.46 -34.53
N GLY A 193 -5.59 6.43 -35.68
CA GLY A 193 -5.66 5.24 -36.50
C GLY A 193 -6.97 4.46 -36.42
N ASN A 194 -7.69 4.59 -35.31
CA ASN A 194 -9.09 4.19 -35.28
C ASN A 194 -9.98 5.43 -35.44
N SER A 195 -9.31 6.58 -35.48
CA SER A 195 -9.93 7.88 -35.57
C SER A 195 -8.86 8.90 -35.95
N SER A 196 -9.22 10.18 -35.95
CA SER A 196 -8.25 11.23 -36.22
C SER A 196 -7.85 11.99 -34.97
N ARG A 197 -6.98 12.98 -35.13
CA ARG A 197 -6.55 13.83 -34.01
C ARG A 197 -7.70 14.65 -33.47
N ASN A 198 -8.50 15.21 -34.38
CA ASN A 198 -9.61 16.07 -34.00
C ASN A 198 -10.67 15.32 -33.19
N ILE A 199 -10.92 14.07 -33.56
CA ILE A 199 -11.84 13.21 -32.82
C ILE A 199 -11.32 12.92 -31.41
N VAL A 200 -10.06 12.47 -31.35
CA VAL A 200 -9.38 12.23 -30.08
C VAL A 200 -9.46 13.44 -29.15
N ASN A 201 -9.10 14.61 -29.67
CA ASN A 201 -9.07 15.83 -28.88
C ASN A 201 -10.44 16.35 -28.45
N GLN A 202 -11.38 16.39 -29.39
CA GLN A 202 -12.77 16.75 -29.10
C GLN A 202 -13.30 15.90 -27.96
N ASN A 203 -13.11 14.59 -28.11
CA ASN A 203 -13.52 13.64 -27.07
C ASN A 203 -12.78 13.86 -25.75
N VAL A 204 -11.52 14.25 -25.81
CA VAL A 204 -10.75 14.56 -24.60
C VAL A 204 -11.37 15.73 -23.85
N ARG A 205 -11.70 16.81 -24.57
CA ARG A 205 -12.32 17.97 -23.96
C ARG A 205 -13.68 17.62 -23.32
N GLU A 206 -14.54 16.99 -24.12
CA GLU A 206 -15.85 16.57 -23.61
C GLU A 206 -15.73 15.69 -22.36
N ASN A 207 -14.85 14.69 -22.44
CA ASN A 207 -14.65 13.76 -21.33
C ASN A 207 -14.00 14.41 -20.11
N LEU A 208 -13.30 15.52 -20.31
CA LEU A 208 -12.75 16.27 -19.18
C LEU A 208 -13.85 17.05 -18.48
N LYS A 209 -14.74 17.65 -19.25
CA LYS A 209 -15.95 18.25 -18.67
C LYS A 209 -16.72 17.21 -17.84
N THR A 210 -17.01 16.08 -18.48
CA THR A 210 -17.70 14.97 -17.82
C THR A 210 -16.97 14.52 -16.57
N LEU A 211 -15.64 14.48 -16.64
CA LEU A 211 -14.81 14.08 -15.51
C LEU A 211 -15.00 15.04 -14.34
N TYR A 212 -15.05 16.33 -14.64
CA TYR A 212 -15.32 17.33 -13.61
C TYR A 212 -16.67 17.06 -12.96
N ARG A 213 -17.71 16.89 -13.79
CA ARG A 213 -19.05 16.63 -13.26
C ARG A 213 -19.09 15.39 -12.36
N LEU A 214 -18.54 14.30 -12.87
CA LEU A 214 -18.43 13.04 -12.13
C LEU A 214 -17.76 13.22 -10.77
N THR A 215 -16.63 13.92 -10.78
CA THR A 215 -15.87 14.11 -9.55
C THR A 215 -16.65 14.95 -8.54
N MET A 216 -17.35 15.97 -9.02
CA MET A 216 -18.20 16.77 -8.14
C MET A 216 -19.33 15.92 -7.52
N ASP A 217 -20.01 15.15 -8.35
CA ASP A 217 -21.06 14.24 -7.87
C ASP A 217 -20.54 13.27 -6.82
N LEU A 218 -19.37 12.69 -7.08
CA LEU A 218 -18.74 11.76 -6.14
C LEU A 218 -18.36 12.44 -4.83
N CYS A 219 -17.92 13.68 -4.89
CA CYS A 219 -17.65 14.46 -3.68
C CYS A 219 -18.93 14.62 -2.87
N SER A 220 -20.02 14.97 -3.56
CA SER A 220 -21.34 15.07 -2.93
C SER A 220 -21.70 13.78 -2.19
N LYS A 221 -21.60 12.65 -2.91
CA LYS A 221 -21.85 11.34 -2.32
C LYS A 221 -21.00 11.10 -1.07
N LEU A 222 -19.69 11.37 -1.19
CA LEU A 222 -18.77 11.24 -0.07
C LEU A 222 -19.26 12.01 1.16
N LYS A 223 -19.79 13.22 0.92
CA LYS A 223 -20.38 13.98 2.01
C LYS A 223 -21.63 13.28 2.58
N ASP A 224 -22.44 12.71 1.70
CA ASP A 224 -23.62 11.96 2.14
C ASP A 224 -23.29 10.78 3.05
N TYR A 225 -22.23 10.05 2.71
CA TYR A 225 -21.85 8.85 3.47
C TYR A 225 -20.95 9.15 4.66
N GLY A 226 -20.61 10.42 4.86
CA GLY A 226 -19.76 10.82 5.96
C GLY A 226 -18.29 10.49 5.72
N LEU A 227 -17.94 10.30 4.45
CA LEU A 227 -16.58 9.93 4.08
C LEU A 227 -15.72 11.12 3.64
N TRP A 228 -16.30 12.31 3.59
CA TRP A 228 -15.61 13.47 3.03
C TRP A 228 -14.35 13.89 3.78
N GLN A 229 -14.44 13.99 5.10
CA GLN A 229 -13.31 14.46 5.90
C GLN A 229 -12.16 13.47 5.82
N LEU A 230 -12.49 12.19 5.75
CA LEU A 230 -11.51 11.13 5.57
C LEU A 230 -10.83 11.27 4.21
N PHE A 231 -11.65 11.50 3.18
CA PHE A 231 -11.18 11.69 1.82
C PHE A 231 -10.18 12.85 1.75
N ARG A 232 -10.54 13.96 2.37
CA ARG A 232 -9.73 15.17 2.33
C ARG A 232 -8.46 15.09 3.18
N THR A 233 -8.59 14.72 4.44
CA THR A 233 -7.48 14.75 5.39
C THR A 233 -6.53 13.56 5.22
N LEU A 234 -7.07 12.41 4.82
CA LEU A 234 -6.27 11.18 4.77
C LEU A 234 -5.85 10.61 3.41
N GLU A 235 -6.80 10.47 2.50
CA GLU A 235 -6.52 9.82 1.23
C GLU A 235 -5.84 10.76 0.23
N LEU A 236 -6.36 11.97 0.08
CA LEU A 236 -5.83 12.92 -0.91
C LEU A 236 -4.37 13.38 -0.71
N PRO A 237 -3.99 13.82 0.51
CA PRO A 237 -2.59 14.21 0.72
C PRO A 237 -1.62 13.06 0.56
N LEU A 238 -2.15 11.84 0.56
CA LEU A 238 -1.33 10.64 0.41
C LEU A 238 -0.89 10.43 -1.04
N ILE A 239 -1.67 10.95 -1.98
CA ILE A 239 -1.40 10.79 -3.42
C ILE A 239 0.02 11.20 -3.85
N PRO A 240 0.47 12.41 -3.49
CA PRO A 240 1.84 12.73 -3.90
C PRO A 240 2.88 11.88 -3.18
N ILE A 241 2.58 11.44 -1.97
CA ILE A 241 3.50 10.62 -1.18
C ILE A 241 3.82 9.29 -1.88
N LEU A 242 2.80 8.66 -2.44
CA LEU A 242 2.99 7.42 -3.21
C LEU A 242 3.82 7.68 -4.45
N ALA A 243 3.47 8.74 -5.18
CA ALA A 243 4.18 9.11 -6.40
C ALA A 243 5.66 9.38 -6.14
N VAL A 244 5.96 10.02 -5.01
CA VAL A 244 7.34 10.25 -4.61
C VAL A 244 8.07 8.93 -4.37
N MET A 245 7.41 8.01 -3.67
CA MET A 245 7.99 6.69 -3.41
C MET A 245 8.25 5.92 -4.71
N GLU A 246 7.37 6.10 -5.69
CA GLU A 246 7.51 5.44 -6.99
C GLU A 246 8.57 6.14 -7.85
N SER A 247 8.88 7.38 -7.51
CA SER A 247 9.89 8.15 -8.24
C SER A 247 11.30 7.86 -7.76
N HIS A 248 11.42 7.24 -6.60
CA HIS A 248 12.74 6.87 -6.08
C HIS A 248 12.99 5.39 -6.34
N ALA A 249 14.19 4.92 -6.02
CA ALA A 249 14.55 3.52 -6.21
C ALA A 249 15.51 3.07 -5.12
N ILE A 250 15.33 1.85 -4.64
CA ILE A 250 16.19 1.31 -3.60
C ILE A 250 17.27 0.43 -4.21
N GLN A 251 18.52 0.75 -3.93
CA GLN A 251 19.64 0.02 -4.51
C GLN A 251 19.77 -1.37 -3.91
N VAL A 252 19.98 -2.37 -4.77
CA VAL A 252 20.14 -3.75 -4.34
C VAL A 252 21.37 -4.48 -4.87
N ASN A 253 21.73 -5.59 -4.24
CA ASN A 253 22.91 -6.33 -4.68
C ASN A 253 22.75 -7.34 -5.77
N LYS A 254 22.91 -6.89 -6.99
CA LYS A 254 22.67 -7.74 -8.09
C LYS A 254 23.60 -8.89 -7.88
N GLU A 255 24.83 -8.58 -7.52
CA GLU A 255 25.88 -9.56 -7.37
C GLU A 255 25.72 -10.57 -6.24
N GLU A 256 25.37 -10.11 -5.06
CA GLU A 256 25.19 -11.00 -3.93
C GLU A 256 24.04 -11.93 -4.21
N MET A 257 23.04 -11.36 -4.83
CA MET A 257 21.79 -12.03 -5.13
C MET A 257 21.93 -13.19 -6.13
N GLU A 258 22.76 -13.00 -7.15
CA GLU A 258 23.02 -14.08 -8.10
C GLU A 258 23.73 -15.25 -7.40
N LYS A 259 24.71 -14.92 -6.57
CA LYS A 259 25.39 -15.92 -5.74
C LYS A 259 24.41 -16.71 -4.89
N THR A 260 23.70 -15.99 -4.01
CA THR A 260 22.68 -16.58 -3.14
C THR A 260 21.71 -17.46 -3.93
N SER A 261 21.33 -16.99 -5.12
CA SER A 261 20.49 -17.76 -6.02
C SER A 261 21.12 -19.11 -6.35
N ALA A 262 22.37 -19.08 -6.80
CA ALA A 262 23.09 -20.32 -7.12
C ALA A 262 23.12 -21.29 -5.92
N LEU A 263 23.47 -20.76 -4.75
CA LEU A 263 23.53 -21.56 -3.53
C LEU A 263 22.20 -22.24 -3.20
N LEU A 264 21.14 -21.43 -3.13
CA LEU A 264 19.80 -21.94 -2.83
C LEU A 264 19.33 -22.95 -3.89
N GLY A 265 19.79 -22.78 -5.12
CA GLY A 265 19.50 -23.74 -6.16
C GLY A 265 20.15 -25.08 -5.86
N ALA A 266 21.42 -25.04 -5.48
CA ALA A 266 22.14 -26.25 -5.09
C ALA A 266 21.42 -26.99 -3.94
N ARG A 267 21.20 -26.26 -2.85
CA ARG A 267 20.51 -26.81 -1.69
C ARG A 267 19.15 -27.48 -1.96
N LEU A 268 18.37 -26.85 -2.83
CA LEU A 268 17.09 -27.41 -3.27
C LEU A 268 17.22 -28.70 -4.10
N LYS A 269 18.28 -28.75 -4.90
CA LYS A 269 18.61 -29.96 -5.65
C LYS A 269 18.83 -31.05 -4.61
N GLU A 270 19.64 -30.74 -3.59
CA GLU A 270 19.87 -31.68 -2.48
C GLU A 270 18.55 -32.15 -1.85
N LEU A 271 17.74 -31.18 -1.45
CA LEU A 271 16.47 -31.47 -0.79
C LEU A 271 15.51 -32.27 -1.67
N GLU A 272 15.48 -31.95 -2.96
CA GLU A 272 14.65 -32.69 -3.92
C GLU A 272 15.09 -34.15 -3.96
N GLN A 273 16.39 -34.36 -4.04
CA GLN A 273 16.95 -35.71 -4.04
C GLN A 273 16.56 -36.47 -2.76
N GLU A 274 16.77 -35.83 -1.61
CA GLU A 274 16.40 -36.40 -0.32
C GLU A 274 14.94 -36.82 -0.26
N ALA A 275 14.06 -35.91 -0.68
CA ALA A 275 12.63 -36.18 -0.66
C ALA A 275 12.25 -37.34 -1.55
N HIS A 276 12.81 -37.36 -2.76
CA HIS A 276 12.58 -38.49 -3.67
C HIS A 276 13.04 -39.81 -3.06
N PHE A 277 14.18 -39.76 -2.37
CA PHE A 277 14.73 -40.89 -1.64
C PHE A 277 13.73 -41.40 -0.59
N VAL A 278 13.43 -40.57 0.39
CA VAL A 278 12.60 -40.97 1.52
C VAL A 278 11.12 -41.22 1.20
N ALA A 279 10.63 -40.78 0.07
CA ALA A 279 9.29 -41.13 -0.30
C ALA A 279 9.25 -42.37 -1.15
N GLY A 280 10.41 -42.79 -1.56
CA GLY A 280 10.51 -43.95 -2.39
C GLY A 280 9.78 -43.82 -3.68
N GLU A 281 9.76 -42.61 -4.20
CA GLU A 281 9.32 -42.41 -5.54
C GLU A 281 9.76 -41.08 -6.03
N ARG A 282 9.79 -40.92 -7.34
CA ARG A 282 10.14 -39.66 -7.92
C ARG A 282 8.84 -38.99 -8.21
N PHE A 283 8.61 -37.90 -7.52
CA PHE A 283 7.39 -37.11 -7.63
C PHE A 283 7.79 -35.66 -7.77
N LEU A 284 6.87 -34.84 -8.26
CA LEU A 284 7.19 -33.43 -8.47
C LEU A 284 7.24 -32.75 -7.11
N ILE A 285 8.41 -32.21 -6.79
CA ILE A 285 8.70 -31.69 -5.45
C ILE A 285 7.87 -30.44 -5.17
N THR A 286 7.47 -29.77 -6.24
CA THR A 286 6.69 -28.54 -6.15
C THR A 286 5.19 -28.80 -6.20
N SER A 287 4.82 -30.06 -6.42
CA SER A 287 3.41 -30.44 -6.48
C SER A 287 2.86 -30.77 -5.10
N ASN A 288 1.82 -30.05 -4.70
CA ASN A 288 1.14 -30.32 -3.43
C ASN A 288 0.19 -31.51 -3.57
N ASN A 289 -0.30 -31.71 -4.80
CA ASN A 289 -1.19 -32.83 -5.10
C ASN A 289 -0.48 -34.17 -4.91
N GLN A 290 0.68 -34.31 -5.53
CA GLN A 290 1.46 -35.55 -5.46
C GLN A 290 1.96 -35.81 -4.04
N LEU A 291 2.38 -34.76 -3.36
CA LEU A 291 2.82 -34.89 -1.96
C LEU A 291 1.66 -35.34 -1.08
N ARG A 292 0.48 -34.79 -1.35
CA ARG A 292 -0.71 -35.17 -0.62
C ARG A 292 -1.05 -36.64 -0.85
N GLU A 293 -0.91 -37.08 -2.10
CA GLU A 293 -1.13 -38.47 -2.45
C GLU A 293 -0.11 -39.43 -1.84
N ILE A 294 1.11 -38.96 -1.66
CA ILE A 294 2.15 -39.73 -1.03
C ILE A 294 1.94 -39.77 0.45
N LEU A 295 1.76 -38.62 1.05
CA LEU A 295 1.72 -38.54 2.50
C LEU A 295 0.56 -39.28 3.06
N PHE A 296 -0.57 -39.23 2.40
CA PHE A 296 -1.72 -39.94 2.89
C PHE A 296 -2.17 -40.96 1.89
N GLY A 297 -1.73 -40.80 0.66
CA GLY A 297 -1.93 -41.83 -0.35
C GLY A 297 -1.24 -43.16 -0.12
N LYS A 298 0.04 -43.11 0.13
CA LYS A 298 0.77 -44.31 0.47
C LYS A 298 0.92 -44.30 1.94
N LEU A 299 1.75 -43.41 2.40
CA LEU A 299 2.28 -43.46 3.75
C LEU A 299 1.15 -43.62 4.74
N LYS A 300 0.02 -43.02 4.47
CA LYS A 300 -1.08 -43.06 5.39
C LYS A 300 -0.78 -42.52 6.78
N LEU A 301 -0.12 -41.39 6.86
CA LEU A 301 0.30 -40.87 8.17
C LEU A 301 -0.82 -40.35 9.05
N HIS A 302 -1.93 -39.96 8.45
CA HIS A 302 -2.96 -39.39 9.26
C HIS A 302 -3.53 -40.42 10.19
N LEU A 303 -3.58 -41.64 9.69
CA LEU A 303 -4.15 -42.74 10.42
C LEU A 303 -3.29 -43.09 11.61
N LEU A 304 -1.98 -42.90 11.48
CA LEU A 304 -1.11 -43.23 12.57
C LEU A 304 -1.44 -42.41 13.77
N SER A 305 -1.72 -41.13 13.56
CA SER A 305 -1.97 -40.21 14.66
C SER A 305 -1.97 -38.75 14.20
N TYR A 318 -8.66 -36.61 3.09
CA TYR A 318 -7.28 -36.43 3.47
C TYR A 318 -7.07 -35.03 3.93
N PRO A 319 -6.04 -34.83 4.74
CA PRO A 319 -5.65 -33.47 5.18
C PRO A 319 -4.74 -32.77 4.18
N SER A 320 -4.59 -31.45 4.34
CA SER A 320 -3.75 -30.63 3.49
C SER A 320 -2.31 -30.91 3.76
N THR A 321 -1.46 -30.33 2.93
CA THR A 321 -0.01 -30.34 3.06
C THR A 321 0.49 -29.08 3.80
N SER A 322 -0.44 -28.31 4.35
CA SER A 322 -0.11 -27.05 4.99
C SER A 322 0.84 -27.24 6.17
N GLU A 323 1.57 -26.17 6.51
CA GLU A 323 2.63 -26.22 7.52
C GLU A 323 2.19 -26.78 8.87
N ALA A 324 0.93 -26.52 9.25
CA ALA A 324 0.38 -27.04 10.49
C ALA A 324 0.36 -28.57 10.49
N VAL A 325 -0.25 -29.14 9.45
CA VAL A 325 -0.31 -30.58 9.26
C VAL A 325 1.09 -31.19 9.19
N LEU A 326 1.96 -30.57 8.40
CA LEU A 326 3.32 -31.06 8.21
C LEU A 326 4.12 -31.03 9.51
N ASN A 327 3.82 -30.07 10.37
CA ASN A 327 4.45 -30.01 11.69
C ASN A 327 3.86 -31.04 12.64
N ALA A 328 2.59 -31.37 12.44
CA ALA A 328 1.97 -32.44 13.22
C ALA A 328 2.63 -33.79 12.93
N LEU A 329 3.09 -33.96 11.69
CA LEU A 329 3.64 -35.24 11.23
C LEU A 329 5.18 -35.33 11.28
N ARG A 330 5.82 -34.28 11.79
CA ARG A 330 7.28 -34.17 11.75
C ARG A 330 8.04 -35.34 12.40
N ASP A 331 7.40 -36.07 13.29
CA ASP A 331 8.02 -37.24 13.87
C ASP A 331 7.66 -38.55 13.22
N LEU A 332 6.52 -38.60 12.59
CA LEU A 332 6.09 -39.77 11.89
C LEU A 332 6.95 -40.17 10.71
N HIS A 333 7.48 -39.21 9.98
CA HIS A 333 8.22 -39.52 8.78
C HIS A 333 9.22 -38.43 8.50
N PRO A 334 10.28 -38.72 7.75
CA PRO A 334 11.31 -37.69 7.46
C PRO A 334 10.93 -36.68 6.35
N LEU A 335 9.93 -37.03 5.56
CA LEU A 335 9.40 -36.31 4.41
C LEU A 335 8.75 -34.94 4.71
N PRO A 336 7.91 -34.85 5.75
CA PRO A 336 7.34 -33.53 6.07
C PRO A 336 8.42 -32.48 6.37
N LYS A 337 9.42 -32.84 7.16
CA LYS A 337 10.51 -31.93 7.49
C LYS A 337 11.29 -31.51 6.23
N ILE A 338 11.61 -32.50 5.40
CA ILE A 338 12.27 -32.24 4.12
C ILE A 338 11.48 -31.23 3.28
N ILE A 339 10.19 -31.53 3.07
CA ILE A 339 9.29 -30.68 2.33
C ILE A 339 9.24 -29.25 2.88
N LEU A 340 9.14 -29.14 4.21
CA LEU A 340 9.12 -27.85 4.86
C LEU A 340 10.37 -27.02 4.54
N GLU A 341 11.54 -27.60 4.77
CA GLU A 341 12.77 -26.90 4.47
C GLU A 341 12.84 -26.50 2.99
N TYR A 342 12.42 -27.42 2.13
CA TYR A 342 12.40 -27.16 0.69
C TYR A 342 11.52 -25.96 0.35
N ARG A 343 10.32 -25.93 0.92
CA ARG A 343 9.38 -24.84 0.68
C ARG A 343 9.95 -23.52 1.14
N GLN A 344 10.58 -23.53 2.31
CA GLN A 344 11.22 -22.33 2.85
C GLN A 344 12.29 -21.78 1.89
N VAL A 345 13.28 -22.62 1.59
CA VAL A 345 14.39 -22.20 0.73
C VAL A 345 13.91 -21.80 -0.66
N HIS A 346 12.97 -22.57 -1.21
CA HIS A 346 12.42 -22.30 -2.54
C HIS A 346 11.68 -20.97 -2.56
N LYS A 347 10.99 -20.65 -1.47
CA LYS A 347 10.30 -19.36 -1.39
C LYS A 347 11.31 -18.23 -1.39
N ILE A 348 12.28 -18.30 -0.48
CA ILE A 348 13.32 -17.27 -0.40
C ILE A 348 14.00 -17.04 -1.76
N LYS A 349 14.45 -18.09 -2.38
CA LYS A 349 15.10 -17.95 -3.66
C LYS A 349 14.22 -17.48 -4.77
N SER A 350 13.10 -18.14 -4.97
CA SER A 350 12.21 -17.84 -6.06
C SER A 350 11.62 -16.48 -6.00
N THR A 351 11.36 -16.03 -4.80
CA THR A 351 10.70 -14.78 -4.61
C THR A 351 11.55 -13.64 -4.14
N PHE A 352 12.43 -13.85 -3.19
CA PHE A 352 13.17 -12.75 -2.66
C PHE A 352 14.55 -12.65 -3.20
N VAL A 353 14.84 -13.46 -4.19
CA VAL A 353 16.09 -13.35 -4.87
C VAL A 353 15.85 -13.31 -6.36
N ASP A 354 15.43 -14.40 -6.94
CA ASP A 354 15.24 -14.47 -8.36
C ASP A 354 14.19 -13.54 -8.89
N GLY A 355 13.04 -13.52 -8.26
CA GLY A 355 11.98 -12.62 -8.65
C GLY A 355 12.30 -11.16 -8.36
N LEU A 356 13.22 -10.94 -7.42
CA LEU A 356 13.66 -9.58 -7.08
C LEU A 356 14.72 -9.11 -8.08
N LEU A 357 15.37 -10.06 -8.74
CA LEU A 357 16.36 -9.75 -9.77
C LEU A 357 15.70 -9.32 -11.08
N ALA A 358 14.46 -9.76 -11.27
CA ALA A 358 13.72 -9.45 -12.48
C ALA A 358 12.98 -8.12 -12.35
N CYS A 359 12.97 -7.56 -11.15
CA CYS A 359 12.34 -6.27 -10.90
C CYS A 359 13.38 -5.16 -10.98
N MET A 360 14.61 -5.54 -11.22
CA MET A 360 15.70 -4.61 -11.17
C MET A 360 15.80 -3.81 -12.43
N LYS A 361 15.98 -2.51 -12.25
CA LYS A 361 16.37 -1.66 -13.32
C LYS A 361 17.58 -0.98 -12.78
N LYS A 362 18.68 -1.06 -13.49
CA LYS A 362 19.84 -0.29 -13.13
C LYS A 362 20.28 -0.50 -11.72
N GLY A 363 20.18 -1.71 -11.21
CA GLY A 363 20.77 -2.02 -9.92
C GLY A 363 19.98 -1.57 -8.73
N SER A 364 18.81 -1.04 -9.02
CA SER A 364 17.78 -0.72 -8.04
C SER A 364 16.36 -1.16 -8.41
N ILE A 365 15.49 -1.22 -7.42
CA ILE A 365 14.09 -1.59 -7.62
C ILE A 365 13.15 -0.49 -7.12
N SER A 366 11.96 -0.42 -7.72
CA SER A 366 10.93 0.49 -7.23
C SER A 366 9.56 -0.18 -7.28
N SER A 367 8.87 -0.20 -6.15
CA SER A 367 7.56 -0.82 -6.07
C SER A 367 6.48 0.11 -6.65
N THR A 368 5.40 -0.48 -7.12
CA THR A 368 4.23 0.29 -7.56
C THR A 368 3.19 0.25 -6.45
N TRP A 369 2.66 1.41 -6.08
CA TRP A 369 1.75 1.50 -4.94
C TRP A 369 0.29 1.63 -5.34
N ASN A 370 -0.59 0.92 -4.65
CA ASN A 370 -2.02 0.96 -4.91
C ASN A 370 -2.81 1.40 -3.69
N GLN A 371 -3.49 2.54 -3.84
CA GLN A 371 -4.31 3.11 -2.78
C GLN A 371 -5.74 2.57 -2.81
N THR A 372 -6.10 1.97 -3.94
CA THR A 372 -7.44 1.39 -4.16
C THR A 372 -7.42 -0.12 -3.91
N GLY A 373 -6.26 -0.64 -3.53
CA GLY A 373 -6.06 -2.08 -3.45
C GLY A 373 -6.82 -2.89 -2.41
N THR A 374 -7.18 -2.27 -1.28
CA THR A 374 -7.70 -3.04 -0.14
C THR A 374 -9.10 -2.63 0.30
N VAL A 375 -9.76 -3.52 1.04
CA VAL A 375 -11.04 -3.21 1.67
C VAL A 375 -10.85 -2.69 3.10
N THR A 376 -9.63 -2.83 3.61
CA THR A 376 -9.32 -2.41 4.97
C THR A 376 -8.82 -0.97 5.01
N GLY A 377 -8.52 -0.41 3.85
CA GLY A 377 -7.94 0.91 3.77
C GLY A 377 -6.42 0.87 3.83
N ARG A 378 -5.85 -0.33 3.82
CA ARG A 378 -4.41 -0.50 3.77
C ARG A 378 -3.88 -0.21 2.38
N LEU A 379 -2.60 0.12 2.29
CA LEU A 379 -1.92 0.21 1.01
C LEU A 379 -1.52 -1.20 0.55
N SER A 380 -1.36 -1.38 -0.76
CA SER A 380 -0.75 -2.58 -1.29
C SER A 380 0.39 -2.21 -2.25
N ALA A 381 1.30 -3.14 -2.50
CA ALA A 381 2.45 -2.86 -3.35
C ALA A 381 2.72 -3.99 -4.33
N LYS A 382 3.30 -3.66 -5.49
CA LYS A 382 3.60 -4.64 -6.52
C LYS A 382 4.98 -4.44 -7.12
N HIS A 383 5.49 -5.51 -7.74
CA HIS A 383 6.68 -5.47 -8.58
C HIS A 383 7.85 -4.61 -8.08
N PRO A 384 8.48 -5.02 -6.96
CA PRO A 384 8.12 -6.19 -6.16
C PRO A 384 7.13 -5.79 -5.07
N ASN A 385 6.65 -6.75 -4.29
CA ASN A 385 5.83 -6.42 -3.13
C ASN A 385 6.83 -6.28 -2.00
N ILE A 386 7.05 -5.05 -1.57
CA ILE A 386 8.10 -4.74 -0.62
C ILE A 386 7.53 -4.81 0.79
N GLN A 387 6.21 -4.99 0.86
CA GLN A 387 5.54 -5.22 2.13
C GLN A 387 5.57 -6.71 2.46
N GLY A 388 5.93 -7.53 1.47
CA GLY A 388 5.93 -8.97 1.65
C GLY A 388 7.32 -9.58 1.76
N ILE A 389 8.34 -8.74 1.92
CA ILE A 389 9.71 -9.24 2.04
C ILE A 389 9.95 -9.86 3.43
N SER A 390 10.44 -11.09 3.44
CA SER A 390 10.63 -11.84 4.68
C SER A 390 11.52 -11.10 5.68
N LYS A 391 10.99 -10.92 6.88
CA LYS A 391 11.67 -10.16 7.93
C LYS A 391 12.84 -10.94 8.52
N HIS A 392 12.57 -12.18 8.90
CA HIS A 392 13.59 -13.00 9.55
C HIS A 392 14.42 -13.80 8.55
N PRO A 393 15.75 -13.65 8.63
CA PRO A 393 16.67 -14.37 7.75
C PRO A 393 16.60 -15.87 8.00
N ILE A 394 17.04 -16.67 7.03
CA ILE A 394 16.97 -18.12 7.17
C ILE A 394 18.36 -18.74 7.16
N GLN A 395 18.48 -19.93 7.74
CA GLN A 395 19.76 -20.62 7.81
C GLN A 395 19.80 -21.80 6.85
N ILE A 396 20.92 -21.96 6.14
CA ILE A 396 21.13 -23.11 5.29
C ILE A 396 22.49 -23.76 5.55
N THR A 397 22.57 -25.05 5.27
CA THR A 397 23.83 -25.78 5.35
C THR A 397 24.43 -25.79 3.94
N THR A 398 25.55 -25.10 3.78
CA THR A 398 26.14 -24.96 2.45
C THR A 398 26.62 -26.28 1.83
N PRO A 399 26.18 -26.54 0.61
CA PRO A 399 26.64 -27.71 -0.16
C PRO A 399 27.73 -27.33 -1.16
N LYS A 400 28.75 -28.17 -1.27
CA LYS A 400 29.87 -27.91 -2.17
C LYS A 400 29.57 -28.42 -3.58
N LYS A 408 30.04 -25.07 6.54
CA LYS A 408 29.76 -23.92 7.40
C LYS A 408 28.28 -23.57 7.38
N ILE A 409 27.81 -22.87 8.41
CA ILE A 409 26.43 -22.40 8.41
C ILE A 409 26.33 -21.18 7.52
N LEU A 410 25.14 -20.92 6.98
CA LEU A 410 24.95 -19.75 6.15
C LEU A 410 23.66 -19.01 6.48
N THR A 411 23.79 -17.76 6.90
CA THR A 411 22.63 -16.93 7.20
C THR A 411 22.30 -16.02 6.02
N ILE A 412 21.04 -16.09 5.59
CA ILE A 412 20.59 -15.35 4.41
C ILE A 412 19.42 -14.42 4.76
N SER A 413 19.65 -13.12 4.64
CA SER A 413 18.63 -12.11 4.89
C SER A 413 18.34 -11.35 3.60
N PRO A 414 17.11 -11.49 3.08
CA PRO A 414 16.69 -10.79 1.86
C PRO A 414 16.70 -9.28 2.06
N ARG A 415 16.25 -8.83 3.24
CA ARG A 415 16.22 -7.40 3.55
C ARG A 415 17.62 -6.80 3.63
N ALA A 416 18.62 -7.65 3.78
CA ALA A 416 20.01 -7.19 3.80
C ALA A 416 20.46 -6.81 2.39
N MET A 417 19.68 -7.21 1.39
CA MET A 417 20.00 -6.89 0.01
C MET A 417 19.60 -5.46 -0.33
N PHE A 418 18.77 -4.86 0.52
CA PHE A 418 18.34 -3.48 0.31
C PHE A 418 19.27 -2.55 1.08
N VAL A 419 20.07 -1.78 0.35
CA VAL A 419 21.05 -0.91 0.97
C VAL A 419 20.77 0.56 0.68
N SER A 420 21.12 1.42 1.61
CA SER A 420 20.97 2.85 1.42
C SER A 420 22.04 3.37 0.47
N SER A 421 21.76 4.48 -0.19
CA SER A 421 22.73 5.15 -1.05
C SER A 421 23.87 5.70 -0.18
N LYS A 422 24.99 6.05 -0.80
CA LYS A 422 26.12 6.56 -0.05
C LYS A 422 26.44 8.01 -0.40
N GLY A 423 26.76 8.82 0.61
CA GLY A 423 26.41 8.51 1.98
C GLY A 423 24.95 8.77 2.28
N HIS A 424 24.24 7.74 2.71
CA HIS A 424 22.89 7.85 3.23
C HIS A 424 22.64 6.62 4.10
N THR A 425 21.64 6.69 4.97
CA THR A 425 21.31 5.57 5.82
C THR A 425 19.81 5.49 6.08
N PHE A 426 19.30 4.27 6.16
CA PHE A 426 17.89 4.02 6.43
C PHE A 426 17.53 4.33 7.88
N LEU A 427 16.41 5.02 8.04
CA LEU A 427 15.81 5.29 9.33
C LEU A 427 14.41 4.68 9.33
N ALA A 428 14.21 3.65 10.15
CA ALA A 428 12.90 3.01 10.25
C ALA A 428 12.16 3.50 11.48
N ALA A 429 10.85 3.70 11.34
CA ALA A 429 10.02 4.07 12.48
C ALA A 429 8.73 3.27 12.45
N ASP A 430 8.50 2.45 13.48
CA ASP A 430 7.23 1.71 13.53
C ASP A 430 6.45 1.90 14.83
N PHE A 431 5.15 1.67 14.76
CA PHE A 431 4.32 1.67 15.96
C PHE A 431 4.40 0.31 16.61
N SER A 432 4.68 0.28 17.91
CA SER A 432 4.74 -0.97 18.65
C SER A 432 3.34 -1.45 19.00
N GLN A 433 3.02 -2.67 18.59
CA GLN A 433 1.73 -3.31 18.87
C GLN A 433 0.53 -2.39 18.58
N ILE A 434 0.54 -1.76 17.41
CA ILE A 434 -0.44 -0.73 17.07
C ILE A 434 -1.91 -1.17 17.23
N GLU A 435 -2.26 -2.33 16.67
CA GLU A 435 -3.64 -2.80 16.74
C GLU A 435 -4.02 -3.36 18.11
N LEU A 436 -3.04 -3.79 18.89
CA LEU A 436 -3.33 -4.22 20.25
C LEU A 436 -3.76 -2.99 21.05
N ARG A 437 -3.02 -1.90 20.87
CA ARG A 437 -3.34 -0.63 21.51
C ARG A 437 -4.67 -0.07 21.02
N ILE A 438 -4.92 -0.19 19.72
CA ILE A 438 -6.20 0.18 19.13
C ILE A 438 -7.32 -0.60 19.83
N LEU A 439 -7.09 -1.89 19.99
CA LEU A 439 -8.05 -2.77 20.64
C LEU A 439 -8.29 -2.38 22.10
N THR A 440 -7.22 -1.96 22.77
CA THR A 440 -7.31 -1.45 24.13
C THR A 440 -8.19 -0.21 24.18
N HIS A 441 -7.98 0.68 23.22
CA HIS A 441 -8.75 1.92 23.11
C HIS A 441 -10.23 1.65 22.87
N LEU A 442 -10.53 0.74 21.94
CA LEU A 442 -11.90 0.46 21.52
C LEU A 442 -12.68 -0.36 22.55
N SER A 443 -12.03 -1.37 23.12
CA SER A 443 -12.66 -2.23 24.12
C SER A 443 -12.70 -1.54 25.47
N GLY A 444 -11.61 -0.86 25.82
CA GLY A 444 -11.49 -0.22 27.11
C GLY A 444 -11.19 -1.23 28.21
N ASP A 445 -10.65 -2.37 27.83
CA ASP A 445 -10.33 -3.42 28.80
C ASP A 445 -9.30 -2.92 29.81
N PRO A 446 -9.67 -2.95 31.10
CA PRO A 446 -8.90 -2.38 32.21
C PRO A 446 -7.51 -2.99 32.34
N GLU A 447 -7.45 -4.31 32.26
CA GLU A 447 -6.18 -5.04 32.36
C GLU A 447 -5.17 -4.61 31.30
N LEU A 448 -5.61 -4.58 30.05
CA LEU A 448 -4.83 -4.04 28.94
C LEU A 448 -4.40 -2.59 29.20
N LEU A 449 -5.39 -1.73 29.45
CA LEU A 449 -5.16 -0.30 29.67
C LEU A 449 -4.09 -0.11 30.76
N LYS A 450 -4.01 -1.06 31.68
CA LYS A 450 -2.92 -1.05 32.66
C LYS A 450 -1.60 -1.39 31.98
N LEU A 451 -1.59 -2.49 31.23
CA LEU A 451 -0.39 -2.95 30.53
C LEU A 451 0.08 -1.91 29.52
N ASP A 458 8.21 -3.07 30.71
CA ASP A 458 8.43 -2.37 29.46
C ASP A 458 8.49 -3.35 28.29
N ASP A 459 7.37 -4.02 28.03
CA ASP A 459 7.21 -4.92 26.87
C ASP A 459 5.80 -5.48 26.85
N VAL A 460 5.45 -6.20 25.79
CA VAL A 460 4.10 -6.72 25.61
C VAL A 460 4.01 -8.23 25.41
N PHE A 461 4.44 -8.71 24.25
CA PHE A 461 4.33 -10.14 23.90
C PHE A 461 5.47 -11.02 24.49
N SER A 462 6.41 -10.33 25.11
CA SER A 462 7.44 -10.98 25.89
C SER A 462 6.80 -11.33 27.23
N THR A 463 5.88 -10.48 27.68
CA THR A 463 5.14 -10.73 28.92
C THR A 463 4.30 -11.99 28.80
N LEU A 464 3.44 -12.05 27.78
CA LEU A 464 2.57 -13.19 27.58
C LEU A 464 3.33 -14.48 27.24
N THR A 465 4.39 -14.35 26.44
CA THR A 465 5.23 -15.51 26.14
C THR A 465 5.93 -16.01 27.38
N SER A 466 6.31 -15.10 28.26
CA SER A 466 6.93 -15.46 29.53
C SER A 466 5.93 -16.21 30.38
N GLN A 467 4.69 -15.73 30.39
CA GLN A 467 3.63 -16.36 31.16
C GLN A 467 3.26 -17.74 30.63
N TRP A 468 3.37 -17.93 29.32
CA TRP A 468 3.07 -19.23 28.72
C TRP A 468 4.22 -20.24 28.84
N LYS A 469 5.46 -19.76 28.72
CA LYS A 469 6.62 -20.63 28.82
C LYS A 469 7.00 -20.89 30.28
N ASP A 470 6.27 -20.26 31.20
CA ASP A 470 6.53 -20.36 32.63
C ASP A 470 7.94 -20.04 33.05
N VAL A 471 8.36 -18.82 32.72
CA VAL A 471 9.76 -18.37 32.85
C VAL A 471 9.70 -16.87 32.62
N PRO A 472 10.78 -16.17 32.91
CA PRO A 472 10.85 -14.72 32.68
C PRO A 472 10.91 -14.38 31.19
N VAL A 473 11.01 -13.09 30.88
CA VAL A 473 11.08 -12.61 29.50
C VAL A 473 12.41 -12.91 28.80
N GLU A 474 13.51 -12.73 29.52
CA GLU A 474 14.85 -12.71 28.93
C GLU A 474 15.25 -13.94 28.10
N GLN A 475 14.75 -15.12 28.47
CA GLN A 475 15.13 -16.34 27.77
C GLN A 475 14.13 -16.75 26.69
N VAL A 476 13.05 -15.99 26.56
CA VAL A 476 12.01 -16.31 25.57
C VAL A 476 12.53 -16.10 24.14
N THR A 477 12.42 -17.14 23.33
CA THR A 477 12.88 -17.10 21.94
C THR A 477 11.94 -16.25 21.09
N HIS A 478 12.48 -15.69 20.01
CA HIS A 478 11.72 -14.83 19.12
C HIS A 478 10.61 -15.59 18.40
N ALA A 479 10.83 -16.90 18.22
CA ALA A 479 9.85 -17.77 17.57
C ALA A 479 8.65 -18.03 18.48
N ASP A 480 8.91 -18.11 19.78
CA ASP A 480 7.85 -18.26 20.77
C ASP A 480 6.92 -17.05 20.71
N ARG A 481 7.52 -15.87 20.63
CA ARG A 481 6.78 -14.63 20.45
C ARG A 481 6.00 -14.69 19.15
N GLU A 482 6.67 -15.12 18.09
CA GLU A 482 6.08 -15.22 16.76
C GLU A 482 4.82 -16.09 16.75
N GLN A 483 4.82 -17.16 17.54
CA GLN A 483 3.65 -18.02 17.68
C GLN A 483 2.57 -17.41 18.58
N THR A 484 3.00 -16.89 19.73
CA THR A 484 2.07 -16.35 20.72
C THR A 484 1.26 -15.17 20.22
N LYS A 485 1.94 -14.15 19.71
CA LYS A 485 1.25 -12.96 19.19
C LYS A 485 0.23 -13.35 18.13
N LYS A 486 0.61 -14.34 17.31
CA LYS A 486 -0.27 -14.88 16.28
C LYS A 486 -1.47 -15.56 16.91
N VAL A 487 -1.27 -16.16 18.08
CA VAL A 487 -2.37 -16.81 18.81
C VAL A 487 -3.34 -15.80 19.43
N VAL A 488 -2.81 -14.69 19.97
CA VAL A 488 -3.69 -13.65 20.50
C VAL A 488 -4.47 -13.02 19.34
N TYR A 489 -3.80 -12.90 18.20
CA TYR A 489 -4.44 -12.44 16.98
C TYR A 489 -5.60 -13.36 16.64
N ALA A 490 -5.32 -14.66 16.59
CA ALA A 490 -6.34 -15.65 16.30
C ALA A 490 -7.54 -15.51 17.23
N VAL A 491 -7.31 -15.54 18.54
CA VAL A 491 -8.41 -15.53 19.50
C VAL A 491 -9.23 -14.22 19.53
N VAL A 492 -8.59 -13.07 19.37
CA VAL A 492 -9.33 -11.80 19.46
C VAL A 492 -10.31 -11.57 18.31
N TYR A 493 -9.99 -12.10 17.13
CA TYR A 493 -10.81 -11.88 15.94
C TYR A 493 -11.85 -12.98 15.71
N GLY A 494 -11.97 -13.89 16.67
CA GLY A 494 -13.04 -14.87 16.66
C GLY A 494 -12.72 -16.27 16.19
N ALA A 495 -11.44 -16.61 16.14
CA ALA A 495 -11.03 -17.96 15.77
C ALA A 495 -11.65 -19.00 16.70
N GLY A 496 -12.04 -20.14 16.13
CA GLY A 496 -12.63 -21.21 16.91
C GLY A 496 -11.57 -22.01 17.65
N LYS A 497 -12.03 -23.02 18.39
CA LYS A 497 -11.12 -23.87 19.16
C LYS A 497 -10.23 -24.72 18.26
N GLU A 498 -10.76 -25.11 17.11
CA GLU A 498 -10.03 -25.93 16.14
C GLU A 498 -8.74 -25.34 15.57
N ARG A 499 -8.86 -24.16 14.96
CA ARG A 499 -7.73 -23.50 14.32
C ARG A 499 -6.77 -23.04 15.40
N LEU A 500 -7.33 -22.61 16.53
CA LEU A 500 -6.53 -22.27 17.70
C LEU A 500 -5.63 -23.40 18.16
N ALA A 501 -6.24 -24.57 18.39
CA ALA A 501 -5.51 -25.76 18.84
C ALA A 501 -4.45 -26.14 17.81
N ALA A 502 -4.79 -25.98 16.54
CA ALA A 502 -3.87 -26.28 15.46
C ALA A 502 -2.62 -25.40 15.48
N CYS A 503 -2.81 -24.09 15.42
CA CYS A 503 -1.67 -23.17 15.27
C CYS A 503 -0.62 -23.24 16.38
N LEU A 504 -1.06 -23.49 17.62
CA LEU A 504 -0.11 -23.70 18.72
C LEU A 504 0.17 -25.18 19.06
N GLY A 505 -0.34 -26.07 18.21
CA GLY A 505 -0.24 -27.49 18.47
C GLY A 505 -0.86 -27.92 19.78
N VAL A 506 -2.14 -27.69 19.91
CA VAL A 506 -2.83 -27.93 21.15
C VAL A 506 -3.95 -28.92 20.95
N PRO A 507 -4.11 -29.81 21.93
CA PRO A 507 -5.29 -30.68 21.99
C PRO A 507 -6.50 -29.79 22.25
N ILE A 508 -7.66 -30.16 21.73
CA ILE A 508 -8.81 -29.28 21.80
C ILE A 508 -9.03 -28.86 23.26
N GLN A 509 -8.81 -29.77 24.20
CA GLN A 509 -9.11 -29.45 25.58
C GLN A 509 -8.31 -28.25 26.09
N GLU A 510 -7.05 -28.17 25.72
CA GLU A 510 -6.24 -27.00 26.05
C GLU A 510 -6.68 -25.83 25.17
N ALA A 511 -7.33 -26.15 24.05
CA ALA A 511 -7.84 -25.13 23.13
C ALA A 511 -8.95 -24.32 23.78
N ALA A 512 -10.06 -24.99 24.07
CA ALA A 512 -11.15 -24.37 24.78
C ALA A 512 -10.67 -23.75 26.09
N GLN A 513 -9.78 -24.47 26.78
CA GLN A 513 -9.20 -23.94 28.02
C GLN A 513 -8.46 -22.61 27.80
N PHE A 514 -7.65 -22.53 26.75
CA PHE A 514 -6.91 -21.31 26.45
C PHE A 514 -7.84 -20.17 26.04
N LEU A 515 -8.82 -20.51 25.21
CA LEU A 515 -9.88 -19.58 24.82
C LEU A 515 -10.53 -18.92 26.03
N GLU A 516 -11.08 -19.76 26.90
CA GLU A 516 -11.74 -19.28 28.11
C GLU A 516 -10.78 -18.49 29.00
N SER A 517 -9.53 -18.94 29.07
CA SER A 517 -8.50 -18.22 29.82
C SER A 517 -8.40 -16.77 29.33
N PHE A 518 -8.11 -16.61 28.05
CA PHE A 518 -7.87 -15.28 27.50
C PHE A 518 -9.11 -14.39 27.48
N LEU A 519 -10.25 -14.94 27.08
CA LEU A 519 -11.48 -14.16 26.99
C LEU A 519 -12.07 -13.81 28.35
N GLN A 520 -11.87 -14.66 29.34
CA GLN A 520 -12.33 -14.34 30.69
C GLN A 520 -11.37 -13.39 31.41
N LYS A 521 -10.08 -13.48 31.08
CA LYS A 521 -9.11 -12.55 31.64
C LYS A 521 -9.39 -11.13 31.18
N TYR A 522 -9.61 -10.97 29.88
CA TYR A 522 -10.02 -9.68 29.35
C TYR A 522 -11.44 -9.80 28.79
N LYS A 523 -12.40 -9.25 29.53
CA LYS A 523 -13.81 -9.43 29.22
C LYS A 523 -14.29 -8.49 28.12
N LYS A 524 -13.70 -7.29 28.08
CA LYS A 524 -14.18 -6.23 27.22
C LYS A 524 -13.92 -6.44 25.73
N ILE A 525 -13.08 -7.41 25.41
CA ILE A 525 -12.78 -7.72 24.01
C ILE A 525 -13.97 -8.41 23.34
N LYS A 526 -14.59 -9.36 24.05
CA LYS A 526 -15.80 -10.01 23.56
C LYS A 526 -16.95 -9.01 23.53
N ASP A 527 -16.96 -8.08 24.47
CA ASP A 527 -17.99 -7.03 24.49
C ASP A 527 -17.85 -6.12 23.28
N PHE A 528 -16.62 -5.74 22.97
CA PHE A 528 -16.31 -4.93 21.80
C PHE A 528 -16.68 -5.63 20.50
N ALA A 529 -16.32 -6.91 20.40
CA ALA A 529 -16.66 -7.71 19.23
C ALA A 529 -18.18 -7.80 19.06
N ARG A 530 -18.86 -8.06 20.15
CA ARG A 530 -20.29 -8.20 20.18
C ARG A 530 -20.96 -6.90 19.79
N ALA A 531 -20.36 -5.79 20.16
CA ALA A 531 -20.84 -4.46 19.78
C ALA A 531 -20.64 -4.18 18.30
N ALA A 532 -19.46 -4.52 17.78
CA ALA A 532 -19.16 -4.32 16.37
C ALA A 532 -20.09 -5.13 15.48
N ILE A 533 -20.34 -6.38 15.87
CA ILE A 533 -21.27 -7.25 15.14
C ILE A 533 -22.69 -6.68 15.19
N ALA A 534 -23.10 -6.22 16.37
CA ALA A 534 -24.41 -5.60 16.52
C ALA A 534 -24.57 -4.37 15.61
N GLN A 535 -23.51 -3.56 15.54
CA GLN A 535 -23.50 -2.38 14.69
C GLN A 535 -23.60 -2.78 13.22
N CYS A 536 -22.86 -3.82 12.83
CA CYS A 536 -22.86 -4.28 11.45
C CYS A 536 -24.23 -4.82 11.06
N HIS A 537 -24.94 -5.42 12.01
CA HIS A 537 -26.29 -5.89 11.76
C HIS A 537 -27.27 -4.71 11.64
N GLN A 538 -27.12 -3.74 12.54
CA GLN A 538 -27.94 -2.52 12.51
C GLN A 538 -27.83 -1.68 11.24
N THR A 539 -26.61 -1.28 10.92
CA THR A 539 -26.35 -0.34 9.83
C THR A 539 -26.17 -1.07 8.50
N GLY A 540 -25.78 -2.35 8.56
CA GLY A 540 -25.47 -3.09 7.35
C GLY A 540 -24.05 -2.79 6.92
N CYS A 541 -23.31 -2.13 7.81
CA CYS A 541 -21.95 -1.69 7.54
C CYS A 541 -21.20 -1.51 8.85
N VAL A 542 -19.87 -1.46 8.80
CA VAL A 542 -19.11 -1.17 10.01
C VAL A 542 -18.09 -0.04 9.77
N VAL A 543 -17.80 0.75 10.80
CA VAL A 543 -17.02 1.97 10.62
C VAL A 543 -15.77 2.05 11.49
N SER A 544 -14.65 2.49 10.92
CA SER A 544 -13.40 2.65 11.65
C SER A 544 -13.37 3.95 12.45
N ILE A 545 -12.23 4.22 13.09
CA ILE A 545 -12.05 5.43 13.89
C ILE A 545 -12.28 6.72 13.09
N MET A 546 -11.63 6.83 11.94
CA MET A 546 -11.67 8.07 11.16
C MET A 546 -12.83 8.11 10.18
N GLY A 547 -13.70 7.10 10.24
CA GLY A 547 -14.92 7.13 9.46
C GLY A 547 -14.88 6.27 8.21
N ARG A 548 -13.78 5.56 8.00
CA ARG A 548 -13.69 4.60 6.89
C ARG A 548 -14.69 3.49 7.14
N ARG A 549 -15.39 3.07 6.09
CA ARG A 549 -16.44 2.08 6.26
C ARG A 549 -16.30 0.80 5.41
N ARG A 550 -16.84 -0.28 5.95
CA ARG A 550 -16.80 -1.61 5.36
C ARG A 550 -18.23 -2.13 5.30
N PRO A 551 -18.89 -1.95 4.15
CA PRO A 551 -20.21 -2.53 3.93
C PRO A 551 -20.13 -4.05 3.90
N LEU A 552 -21.01 -4.71 4.63
CA LEU A 552 -21.01 -6.18 4.70
C LEU A 552 -22.44 -6.70 4.66
N PRO A 553 -23.03 -6.78 3.45
CA PRO A 553 -24.43 -7.17 3.25
C PRO A 553 -24.74 -8.58 3.75
N ARG A 554 -23.72 -9.44 3.75
CA ARG A 554 -23.92 -10.84 4.11
C ARG A 554 -24.00 -11.02 5.62
N ILE A 555 -23.92 -9.92 6.35
CA ILE A 555 -24.26 -9.92 7.76
C ILE A 555 -25.76 -10.23 7.88
N HIS A 556 -26.50 -9.92 6.82
CA HIS A 556 -27.94 -10.15 6.79
C HIS A 556 -28.29 -11.48 6.11
N ALA A 557 -27.26 -12.21 5.70
CA ALA A 557 -27.45 -13.48 4.99
C ALA A 557 -28.06 -14.57 5.87
N HIS A 558 -28.85 -15.43 5.24
CA HIS A 558 -29.46 -16.56 5.93
C HIS A 558 -28.46 -17.69 6.15
N ASP A 559 -27.59 -17.90 5.16
CA ASP A 559 -26.50 -18.86 5.29
C ASP A 559 -25.66 -18.48 6.51
N GLN A 560 -25.40 -19.46 7.37
CA GLN A 560 -24.73 -19.20 8.63
C GLN A 560 -23.22 -19.00 8.50
N GLN A 561 -22.59 -19.71 7.57
CA GLN A 561 -21.17 -19.54 7.34
C GLN A 561 -20.89 -18.14 6.79
N LEU A 562 -21.73 -17.68 5.88
CA LEU A 562 -21.62 -16.34 5.33
C LEU A 562 -21.81 -15.28 6.41
N ARG A 563 -22.84 -15.46 7.22
CA ARG A 563 -23.14 -14.55 8.32
C ARG A 563 -21.96 -14.44 9.29
N ALA A 564 -21.50 -15.59 9.77
CA ALA A 564 -20.36 -15.65 10.68
C ALA A 564 -19.12 -15.01 10.05
N GLN A 565 -18.95 -15.22 8.75
CA GLN A 565 -17.83 -14.62 8.02
C GLN A 565 -17.93 -13.10 8.06
N ALA A 566 -19.11 -12.59 7.77
CA ALA A 566 -19.36 -11.15 7.82
C ALA A 566 -19.08 -10.58 9.21
N GLU A 567 -19.44 -11.34 10.24
CA GLU A 567 -19.18 -10.93 11.62
C GLU A 567 -17.67 -10.82 11.89
N ARG A 568 -16.95 -11.89 11.59
CA ARG A 568 -15.48 -11.90 11.72
C ARG A 568 -14.85 -10.72 10.98
N GLN A 569 -15.33 -10.50 9.75
CA GLN A 569 -14.85 -9.41 8.91
C GLN A 569 -15.10 -8.04 9.52
N ALA A 570 -16.28 -7.84 10.10
CA ALA A 570 -16.60 -6.57 10.76
C ALA A 570 -15.66 -6.30 11.94
N VAL A 571 -15.62 -7.27 12.85
CA VAL A 571 -14.77 -7.18 14.04
C VAL A 571 -13.32 -6.88 13.66
N ASN A 572 -12.80 -7.61 12.68
CA ASN A 572 -11.44 -7.37 12.21
C ASN A 572 -11.28 -5.99 11.57
N PHE A 573 -12.30 -5.56 10.84
CA PHE A 573 -12.21 -4.28 10.12
C PHE A 573 -12.14 -3.08 11.04
N VAL A 574 -12.86 -3.09 12.14
CA VAL A 574 -12.77 -1.94 13.05
C VAL A 574 -11.32 -1.66 13.44
N VAL A 575 -10.65 -2.70 13.94
CA VAL A 575 -9.27 -2.59 14.41
C VAL A 575 -8.26 -2.36 13.28
N GLN A 576 -8.28 -3.23 12.27
CA GLN A 576 -7.29 -3.15 11.19
C GLN A 576 -7.46 -1.88 10.37
N GLY A 577 -8.72 -1.49 10.16
CA GLY A 577 -9.05 -0.25 9.48
C GLY A 577 -8.63 0.97 10.27
N SER A 578 -8.89 0.95 11.58
CA SER A 578 -8.45 2.04 12.44
C SER A 578 -6.93 2.21 12.40
N ALA A 579 -6.22 1.08 12.43
CA ALA A 579 -4.76 1.11 12.38
C ALA A 579 -4.26 1.60 11.03
N ALA A 580 -4.96 1.22 9.96
CA ALA A 580 -4.65 1.71 8.63
C ALA A 580 -4.77 3.24 8.61
N ASP A 581 -5.88 3.72 9.16
CA ASP A 581 -6.11 5.16 9.31
C ASP A 581 -4.94 5.84 10.01
N LEU A 582 -4.57 5.31 11.17
CA LEU A 582 -3.48 5.89 11.95
C LEU A 582 -2.13 5.88 11.22
N CYS A 583 -1.82 4.78 10.55
CA CYS A 583 -0.56 4.67 9.81
C CYS A 583 -0.49 5.65 8.65
N LYS A 584 -1.59 5.78 7.91
CA LYS A 584 -1.68 6.78 6.84
C LYS A 584 -1.51 8.19 7.40
N LEU A 585 -2.18 8.46 8.52
CA LEU A 585 -2.09 9.76 9.18
C LEU A 585 -0.64 10.09 9.55
N ALA A 586 0.06 9.11 10.11
CA ALA A 586 1.45 9.27 10.48
C ALA A 586 2.29 9.58 9.24
N MET A 587 2.07 8.79 8.20
CA MET A 587 2.74 8.94 6.91
C MET A 587 2.63 10.40 6.44
N ILE A 588 1.39 10.89 6.38
CA ILE A 588 1.10 12.25 5.95
C ILE A 588 1.76 13.32 6.82
N HIS A 589 1.63 13.17 8.14
CA HIS A 589 2.17 14.17 9.06
C HIS A 589 3.70 14.25 9.05
N VAL A 590 4.36 13.10 8.98
CA VAL A 590 5.82 13.10 8.89
C VAL A 590 6.27 13.66 7.54
N PHE A 591 5.62 13.20 6.47
CA PHE A 591 5.91 13.69 5.13
C PHE A 591 5.78 15.21 5.05
N THR A 592 4.71 15.74 5.64
CA THR A 592 4.43 17.16 5.68
C THR A 592 5.46 17.91 6.53
N ALA A 593 5.78 17.35 7.69
CA ALA A 593 6.77 17.94 8.59
C ALA A 593 8.11 18.11 7.91
N VAL A 594 8.61 17.05 7.28
CA VAL A 594 9.86 17.11 6.54
C VAL A 594 9.74 18.03 5.32
N ALA A 595 8.57 18.00 4.68
CA ALA A 595 8.29 18.81 3.49
C ALA A 595 8.59 20.28 3.73
N ALA A 596 8.07 20.85 4.80
CA ALA A 596 8.56 22.16 5.17
C ALA A 596 9.53 21.99 6.32
N SER A 597 10.80 21.94 5.94
CA SER A 597 11.95 22.12 6.80
C SER A 597 12.99 22.55 5.80
N HIS A 598 13.84 23.50 6.14
CA HIS A 598 14.86 23.92 5.19
C HIS A 598 16.08 23.01 5.19
N THR A 599 16.38 22.45 6.36
CA THR A 599 17.52 21.55 6.53
C THR A 599 17.28 20.12 6.07
N LEU A 600 16.15 19.55 6.46
CA LEU A 600 15.95 18.09 6.37
C LEU A 600 15.56 17.57 4.98
N THR A 601 16.41 16.70 4.46
CA THR A 601 16.23 16.11 3.13
C THR A 601 15.60 14.73 3.14
N ALA A 602 15.22 14.25 4.33
CA ALA A 602 14.77 12.87 4.51
C ALA A 602 13.64 12.49 3.57
N ARG A 603 13.83 11.37 2.87
CA ARG A 603 12.86 10.93 1.87
C ARG A 603 12.17 9.65 2.34
N LEU A 604 10.84 9.66 2.36
CA LEU A 604 10.10 8.45 2.69
C LEU A 604 10.29 7.49 1.53
N VAL A 605 10.82 6.32 1.83
CA VAL A 605 11.18 5.35 0.82
C VAL A 605 10.12 4.26 0.70
N ALA A 606 9.89 3.52 1.78
CA ALA A 606 8.86 2.49 1.76
C ALA A 606 7.93 2.63 2.94
N GLN A 607 6.76 2.03 2.86
CA GLN A 607 5.89 1.81 3.99
C GLN A 607 5.52 0.38 4.07
N ILE A 608 5.59 -0.20 5.25
CA ILE A 608 5.17 -1.56 5.44
C ILE A 608 4.17 -1.61 6.55
N HIS A 609 2.99 -1.10 6.31
CA HIS A 609 1.97 -1.06 7.33
C HIS A 609 2.45 -0.25 8.50
N ASP A 610 2.69 -0.92 9.60
CA ASP A 610 3.02 -0.29 10.84
C ASP A 610 4.28 0.54 10.74
N GLU A 611 5.07 0.29 9.73
CA GLU A 611 6.44 0.80 9.65
C GLU A 611 6.69 1.76 8.47
N LEU A 612 7.40 2.84 8.76
CA LEU A 612 7.84 3.81 7.76
C LEU A 612 9.35 3.70 7.57
N LEU A 613 9.78 3.52 6.33
CA LEU A 613 11.20 3.39 6.02
C LEU A 613 11.71 4.58 5.21
N PHE A 614 12.59 5.36 5.84
CA PHE A 614 13.14 6.58 5.25
C PHE A 614 14.59 6.37 4.81
N GLU A 615 14.99 7.07 3.77
CA GLU A 615 16.40 7.20 3.45
C GLU A 615 16.85 8.60 3.83
N VAL A 616 17.73 8.69 4.83
CA VAL A 616 18.15 10.00 5.35
C VAL A 616 19.64 10.21 5.12
N GLU A 617 20.01 11.45 4.80
CA GLU A 617 21.41 11.84 4.71
C GLU A 617 22.04 11.70 6.11
N ASP A 618 23.24 11.13 6.17
CA ASP A 618 23.86 10.76 7.45
C ASP A 618 23.84 11.85 8.55
N PRO A 619 24.39 13.05 8.28
CA PRO A 619 24.43 14.05 9.35
C PRO A 619 23.05 14.47 9.82
N GLN A 620 22.03 14.24 9.00
CA GLN A 620 20.67 14.60 9.33
C GLN A 620 19.95 13.58 10.21
N ILE A 621 20.58 12.42 10.44
CA ILE A 621 19.95 11.36 11.23
C ILE A 621 19.39 11.79 12.60
N PRO A 622 20.21 12.42 13.46
CA PRO A 622 19.68 12.79 14.78
C PRO A 622 18.51 13.76 14.70
N GLU A 623 18.64 14.80 13.87
CA GLU A 623 17.59 15.81 13.72
C GLU A 623 16.34 15.21 13.08
N CYS A 624 16.53 14.27 12.17
CA CYS A 624 15.41 13.62 11.49
C CYS A 624 14.69 12.63 12.40
N ALA A 625 15.46 11.78 13.08
CA ALA A 625 14.88 10.79 14.00
C ALA A 625 14.07 11.47 15.09
N ALA A 626 14.56 12.61 15.55
CA ALA A 626 13.82 13.45 16.49
C ALA A 626 12.46 13.89 15.96
N LEU A 627 12.48 14.55 14.81
CA LEU A 627 11.28 15.06 14.15
C LEU A 627 10.27 13.94 13.84
N VAL A 628 10.79 12.78 13.41
CA VAL A 628 9.94 11.63 13.13
C VAL A 628 9.23 11.13 14.39
N ARG A 629 9.99 10.94 15.46
CA ARG A 629 9.44 10.48 16.73
C ARG A 629 8.39 11.42 17.31
N ARG A 630 8.75 12.69 17.45
CA ARG A 630 7.85 13.70 17.99
C ARG A 630 6.54 13.79 17.18
N THR A 631 6.66 13.67 15.87
CA THR A 631 5.50 13.76 14.98
C THR A 631 4.56 12.58 15.14
N MET A 632 5.11 11.37 15.08
CA MET A 632 4.31 10.15 15.17
C MET A 632 3.69 9.94 16.56
N GLU A 633 4.38 10.40 17.59
CA GLU A 633 3.88 10.27 18.96
C GLU A 633 2.79 11.29 19.26
N SER A 634 2.83 12.42 18.57
CA SER A 634 1.82 13.46 18.75
C SER A 634 0.48 13.05 18.12
N LEU A 635 0.48 11.93 17.42
CA LEU A 635 -0.71 11.42 16.75
C LEU A 635 -1.78 10.95 17.72
N GLU A 636 -1.39 10.69 18.96
CA GLU A 636 -2.31 10.27 20.01
C GLU A 636 -3.48 11.23 20.12
N GLN A 637 -3.19 12.52 19.94
CA GLN A 637 -4.22 13.55 19.90
C GLN A 637 -4.03 14.49 18.70
N VAL A 638 -5.00 14.48 17.79
CA VAL A 638 -5.01 15.41 16.66
C VAL A 638 -6.44 15.89 16.42
N GLN A 639 -6.61 17.19 16.35
CA GLN A 639 -7.89 17.71 15.98
C GLN A 639 -7.64 18.54 14.73
N ALA A 640 -8.46 18.36 13.71
CA ALA A 640 -9.48 17.32 13.65
C ALA A 640 -8.85 16.01 13.21
N LEU A 641 -9.58 14.91 13.32
CA LEU A 641 -10.95 14.89 13.78
C LEU A 641 -10.77 14.64 15.24
N GLU A 642 -11.85 14.42 15.98
CA GLU A 642 -11.69 14.30 17.42
C GLU A 642 -10.50 13.44 17.77
N LEU A 643 -10.41 12.26 17.17
CA LEU A 643 -9.16 11.52 17.05
C LEU A 643 -8.35 11.51 18.31
N GLN A 644 -8.92 11.06 19.41
CA GLN A 644 -8.09 11.02 20.60
C GLN A 644 -7.99 9.56 21.01
N LEU A 645 -6.86 9.13 21.56
CA LEU A 645 -6.77 7.75 22.02
C LEU A 645 -6.81 7.66 23.54
N GLN A 646 -6.88 6.45 24.06
CA GLN A 646 -6.82 6.23 25.51
C GLN A 646 -5.43 5.78 25.94
N VAL A 647 -4.55 5.57 24.95
CA VAL A 647 -3.24 5.01 25.19
C VAL A 647 -2.19 5.76 24.36
N PRO A 648 -1.02 6.02 24.93
CA PRO A 648 0.06 6.63 24.15
C PRO A 648 0.58 5.68 23.08
N LEU A 649 1.08 6.22 21.98
CA LEU A 649 1.62 5.40 20.90
C LEU A 649 3.15 5.37 20.99
N LYS A 650 3.70 4.22 21.35
CA LYS A 650 5.16 4.11 21.46
C LYS A 650 5.76 3.88 20.07
N VAL A 651 6.69 4.74 19.70
CA VAL A 651 7.37 4.62 18.41
C VAL A 651 8.77 4.03 18.57
N SER A 652 9.05 2.99 17.78
CA SER A 652 10.37 2.39 17.77
C SER A 652 11.16 2.87 16.55
N LEU A 653 12.29 3.51 16.82
CA LEU A 653 13.18 3.98 15.77
C LEU A 653 14.36 3.03 15.60
N SER A 654 14.80 2.87 14.36
CA SER A 654 15.95 2.05 14.02
C SER A 654 16.73 2.78 12.94
N ALA A 655 18.00 2.44 12.79
CA ALA A 655 18.84 3.06 11.78
C ALA A 655 19.88 2.07 11.28
N GLY A 656 20.31 2.21 10.03
CA GLY A 656 21.32 1.32 9.50
C GLY A 656 21.61 1.53 8.02
N ARG A 657 22.73 0.98 7.55
CA ARG A 657 23.12 1.12 6.15
C ARG A 657 22.38 0.11 5.29
N SER A 658 21.70 -0.83 5.94
CA SER A 658 20.93 -1.85 5.25
C SER A 658 19.57 -2.07 5.91
N TRP A 659 18.58 -2.43 5.11
CA TRP A 659 17.24 -2.71 5.60
C TRP A 659 17.25 -3.95 6.49
N GLY A 660 18.15 -4.87 6.18
CA GLY A 660 18.28 -6.10 6.95
C GLY A 660 18.85 -5.89 8.33
N HIS A 661 19.88 -5.06 8.43
CA HIS A 661 20.49 -4.78 9.72
C HIS A 661 20.25 -3.33 10.12
N LEU A 662 19.36 -3.15 11.09
CA LEU A 662 19.05 -1.82 11.61
C LEU A 662 19.25 -1.83 13.12
N VAL A 663 20.25 -1.10 13.59
CA VAL A 663 20.50 -1.00 15.02
C VAL A 663 19.47 -0.08 15.65
N PRO A 664 18.92 -0.47 16.80
CA PRO A 664 17.96 0.39 17.49
C PRO A 664 18.60 1.72 17.88
N LEU A 665 17.80 2.78 17.92
CA LEU A 665 18.31 4.12 18.14
C LEU A 665 17.57 4.77 19.29
N GLN A 666 18.29 5.56 20.10
CA GLN A 666 17.71 6.28 21.23
C GLN A 666 17.06 5.33 22.24
O1 MES D . -2.34 22.31 -5.04
C2 MES D . -3.32 21.60 -5.80
C3 MES D . -4.68 22.27 -5.72
N4 MES D . -4.99 22.58 -4.33
C5 MES D . -3.98 23.26 -3.53
C6 MES D . -2.71 22.42 -3.67
C7 MES D . -6.37 22.94 -4.06
C8 MES D . -6.60 22.76 -2.57
S MES D . -8.17 23.21 -2.23
O1S MES D . -8.38 23.25 -0.78
O2S MES D . -8.43 24.54 -2.82
O3S MES D . -9.10 22.22 -2.84
NA NA E . 8.83 24.47 -32.28
#